data_6XA9
#
_entry.id   6XA9
#
_cell.length_a   124.172
_cell.length_b   124.172
_cell.length_c   238.169
_cell.angle_alpha   90.000
_cell.angle_beta   90.000
_cell.angle_gamma   90.000
#
_symmetry.space_group_name_H-M   'P 41 21 2'
#
loop_
_entity.id
_entity.type
_entity.pdbx_description
1 polymer 'Non-structural protein 3'
2 polymer 'ISG15 CTD-propargylamide'
3 non-polymer GLYCEROL
4 non-polymer 'ZINC ION'
5 water water
#
loop_
_entity_poly.entity_id
_entity_poly.type
_entity_poly.pdbx_seq_one_letter_code
_entity_poly.pdbx_strand_id
1 'polypeptide(L)'
;GPREVRTIKVFTTVDNINLHTQVVDMSMTYGQQFGPTYLDGADVTKIKPHNSHEGKTFYVLPNDDTLRVEAFEYYHTTDP
SFLGRYMSALNHTKKWKYPQVNGLTSIKWADNNCYLATALLTLQQIELKFNPPALQDAYYRARAGEAANFCALILAYCNK
TVGELGDVRETMSYLFQHANLDSCKRVLNVVCKTCGQQQTTLKGVEAVMYMGTLSYEQFKKGVQIPCTCGKQATKYLVQQ
ESPFVMMSAPPAQYELKHGTFTCASEYTGNYQCGHYKHITSKETLYCIDGALLTKSSEYKGPITDVFYKENSYTTTIK
;
A,C,E
2 'polypeptide(L)'
;MDEPLSILVRNNKGRSSTYEVRLTQTVAHLKQQVSGLEGVQDDLFWLTFEGKPLEDQLPLGEYGLKPLSTVFMNLRLRG
(AYE)
;
B,D,F
#
loop_
_chem_comp.id
_chem_comp.type
_chem_comp.name
_chem_comp.formula
AYE non-polymer prop-2-en-1-amine 'C3 H7 N'
GOL non-polymer GLYCEROL 'C3 H8 O3'
ZN non-polymer 'ZINC ION' 'Zn 2'
#
# COMPACT_ATOMS: atom_id res chain seq x y z
N VAL A 5 4.80 -14.66 -44.71
CA VAL A 5 4.68 -14.92 -43.28
C VAL A 5 5.67 -14.08 -42.46
N ARG A 6 5.13 -13.21 -41.61
CA ARG A 6 5.96 -12.31 -40.82
C ARG A 6 6.51 -13.02 -39.60
N THR A 7 7.79 -12.77 -39.31
CA THR A 7 8.48 -13.34 -38.16
C THR A 7 9.33 -12.26 -37.50
N ILE A 8 9.78 -12.54 -36.28
CA ILE A 8 10.72 -11.63 -35.60
C ILE A 8 11.80 -12.44 -34.88
N LYS A 9 12.93 -11.78 -34.62
CA LYS A 9 14.01 -12.30 -33.78
C LYS A 9 13.77 -11.92 -32.31
N VAL A 10 13.79 -12.93 -31.43
CA VAL A 10 13.84 -12.73 -29.98
C VAL A 10 14.93 -13.62 -29.41
N PHE A 11 15.21 -13.42 -28.12
CA PHE A 11 16.10 -14.31 -27.39
C PHE A 11 15.34 -15.03 -26.28
N THR A 12 15.61 -16.32 -26.10
CA THR A 12 15.12 -17.05 -24.94
C THR A 12 16.26 -17.30 -23.95
N THR A 13 15.90 -17.53 -22.70
CA THR A 13 16.88 -17.70 -21.64
C THR A 13 16.23 -18.46 -20.50
N VAL A 14 17.06 -19.06 -19.65
CA VAL A 14 16.62 -19.45 -18.32
C VAL A 14 17.36 -18.69 -17.22
N ASP A 15 18.48 -18.03 -17.53
CA ASP A 15 19.30 -17.37 -16.53
C ASP A 15 19.54 -15.88 -16.79
N ASN A 16 19.07 -15.34 -17.90
CA ASN A 16 19.29 -13.95 -18.28
C ASN A 16 20.77 -13.63 -18.50
N ILE A 17 21.61 -14.64 -18.74
CA ILE A 17 23.01 -14.41 -19.06
C ILE A 17 23.28 -15.03 -20.42
N ASN A 18 23.08 -16.33 -20.51
CA ASN A 18 23.17 -17.03 -21.78
C ASN A 18 21.87 -16.81 -22.58
N LEU A 19 21.97 -16.12 -23.71
CA LEU A 19 20.79 -15.84 -24.53
C LEU A 19 20.77 -16.74 -25.76
N HIS A 20 19.57 -17.10 -26.21
CA HIS A 20 19.41 -18.02 -27.34
C HIS A 20 18.52 -17.40 -28.41
N THR A 21 19.11 -17.12 -29.58
CA THR A 21 18.36 -16.51 -30.67
C THR A 21 17.30 -17.46 -31.18
N GLN A 22 16.09 -16.93 -31.35
CA GLN A 22 14.94 -17.61 -31.89
C GLN A 22 14.29 -16.72 -32.94
N VAL A 23 13.78 -17.33 -34.00
CA VAL A 23 12.91 -16.64 -34.96
C VAL A 23 11.51 -17.18 -34.73
N VAL A 24 10.58 -16.29 -34.36
CA VAL A 24 9.23 -16.67 -34.01
C VAL A 24 8.25 -16.22 -35.09
N ASP A 25 7.27 -17.08 -35.35
CA ASP A 25 6.15 -16.86 -36.25
C ASP A 25 5.10 -16.02 -35.54
N MET A 26 4.78 -14.86 -36.10
CA MET A 26 3.87 -13.93 -35.46
C MET A 26 2.42 -14.38 -35.48
N SER A 27 2.10 -15.46 -36.19
CA SER A 27 0.74 -15.97 -36.23
C SER A 27 0.45 -17.00 -35.15
N MET A 28 1.46 -17.40 -34.37
CA MET A 28 1.28 -18.39 -33.31
C MET A 28 1.65 -17.78 -31.97
N THR A 29 1.03 -18.29 -30.91
CA THR A 29 1.34 -17.78 -29.59
C THR A 29 2.77 -18.18 -29.21
N TYR A 30 3.33 -17.47 -28.24
CA TYR A 30 4.58 -17.91 -27.64
C TYR A 30 4.45 -19.32 -27.09
N GLY A 31 3.33 -19.64 -26.44
CA GLY A 31 3.17 -20.96 -25.86
C GLY A 31 3.29 -22.09 -26.86
N GLN A 32 2.70 -21.90 -28.04
CA GLN A 32 2.75 -22.91 -29.11
C GLN A 32 4.16 -23.17 -29.60
N GLN A 33 5.06 -22.21 -29.44
CA GLN A 33 6.41 -22.22 -29.99
C GLN A 33 7.46 -22.57 -28.95
N PHE A 34 7.28 -22.11 -27.71
CA PHE A 34 8.26 -22.24 -26.65
C PHE A 34 7.75 -22.98 -25.43
N GLY A 35 6.43 -23.19 -25.30
CA GLY A 35 5.86 -23.59 -24.04
C GLY A 35 5.66 -22.34 -23.19
N PRO A 36 5.51 -22.52 -21.88
CA PRO A 36 5.29 -21.37 -21.00
C PRO A 36 6.40 -20.36 -21.20
N THR A 37 6.02 -19.09 -21.40
CA THR A 37 6.94 -18.03 -21.77
C THR A 37 6.63 -16.78 -20.96
N TYR A 38 7.68 -16.10 -20.49
CA TYR A 38 7.50 -14.93 -19.64
C TYR A 38 8.37 -13.78 -20.14
N LEU A 39 7.81 -12.57 -20.07
CA LEU A 39 8.52 -11.35 -20.42
C LEU A 39 8.61 -10.48 -19.18
N ASP A 40 9.79 -10.44 -18.59
CA ASP A 40 10.03 -9.66 -17.37
C ASP A 40 9.04 -10.05 -16.28
N GLY A 41 8.75 -11.35 -16.17
CA GLY A 41 7.83 -11.87 -15.19
C GLY A 41 6.41 -12.06 -15.68
N ALA A 42 6.02 -11.36 -16.74
CA ALA A 42 4.66 -11.45 -17.24
C ALA A 42 4.48 -12.70 -18.09
N ASP A 43 3.41 -13.45 -17.84
CA ASP A 43 3.12 -14.67 -18.60
C ASP A 43 2.62 -14.29 -19.99
N VAL A 44 3.40 -14.57 -21.02
CA VAL A 44 3.02 -14.25 -22.40
C VAL A 44 2.70 -15.51 -23.20
N THR A 45 2.45 -16.63 -22.50
CA THR A 45 2.22 -17.91 -23.17
C THR A 45 1.10 -17.83 -24.20
N LYS A 46 0.02 -17.10 -23.90
CA LYS A 46 -1.18 -17.09 -24.73
C LYS A 46 -1.21 -15.89 -25.67
N ILE A 47 -0.14 -15.13 -25.71
CA ILE A 47 0.00 -13.91 -26.50
C ILE A 47 0.76 -14.25 -27.78
N LYS A 48 0.40 -13.57 -28.91
CA LYS A 48 1.17 -13.66 -30.14
C LYS A 48 2.26 -12.58 -30.16
N PRO A 49 3.40 -12.85 -30.78
CA PRO A 49 4.47 -11.85 -30.83
C PRO A 49 3.97 -10.51 -31.36
N HIS A 50 4.39 -9.45 -30.67
CA HIS A 50 4.18 -8.07 -31.06
C HIS A 50 5.43 -7.56 -31.78
N ASN A 51 5.25 -6.62 -32.71
CA ASN A 51 6.40 -5.99 -33.35
C ASN A 51 7.38 -5.42 -32.34
N SER A 52 6.88 -4.80 -31.27
CA SER A 52 7.76 -4.17 -30.29
C SER A 52 8.61 -5.18 -29.51
N HIS A 53 8.29 -6.47 -29.59
CA HIS A 53 9.03 -7.52 -28.91
C HIS A 53 10.35 -7.87 -29.56
N GLU A 54 10.61 -7.40 -30.78
CA GLU A 54 11.81 -7.81 -31.47
C GLU A 54 13.03 -7.49 -30.63
N GLY A 55 13.89 -8.49 -30.44
CA GLY A 55 15.12 -8.30 -29.73
C GLY A 55 15.02 -8.30 -28.22
N LYS A 56 13.85 -8.61 -27.65
CA LYS A 56 13.70 -8.72 -26.21
C LYS A 56 14.05 -10.14 -25.71
N THR A 57 14.37 -10.23 -24.43
CA THR A 57 14.69 -11.52 -23.80
C THR A 57 13.48 -12.08 -23.06
N PHE A 58 13.18 -13.34 -23.34
CA PHE A 58 12.07 -14.07 -22.72
C PHE A 58 12.59 -15.27 -21.94
N TYR A 59 12.05 -15.44 -20.74
CA TYR A 59 12.29 -16.67 -20.00
C TYR A 59 11.37 -17.77 -20.50
N VAL A 60 11.92 -18.98 -20.61
CA VAL A 60 11.15 -20.17 -20.98
C VAL A 60 11.43 -21.26 -19.95
N LEU A 61 10.62 -22.34 -20.00
CA LEU A 61 10.99 -23.38 -19.07
C LEU A 61 12.12 -24.25 -19.63
N PRO A 62 12.94 -24.87 -18.76
CA PRO A 62 14.07 -25.68 -19.25
C PRO A 62 13.60 -26.96 -19.91
N ASN A 63 13.42 -26.92 -21.23
CA ASN A 63 12.67 -27.94 -21.98
C ASN A 63 13.58 -28.73 -22.91
N ASP A 64 14.90 -28.53 -22.83
CA ASP A 64 15.92 -29.33 -23.50
C ASP A 64 17.17 -29.39 -22.63
N ASP A 65 18.13 -30.24 -23.03
CA ASP A 65 19.28 -30.48 -22.16
C ASP A 65 20.10 -29.23 -21.92
N THR A 66 20.31 -28.41 -22.95
CA THR A 66 21.11 -27.18 -22.77
C THR A 66 20.47 -26.28 -21.73
N LEU A 67 19.14 -26.06 -21.83
CA LEU A 67 18.50 -25.17 -20.87
C LEU A 67 18.46 -25.82 -19.48
N ARG A 68 18.27 -27.14 -19.41
CA ARG A 68 18.28 -27.82 -18.12
C ARG A 68 19.63 -27.61 -17.44
N VAL A 69 20.72 -27.76 -18.19
CA VAL A 69 22.05 -27.57 -17.61
C VAL A 69 22.23 -26.12 -17.18
N GLU A 70 21.84 -25.16 -18.04
CA GLU A 70 22.01 -23.76 -17.68
C GLU A 70 21.22 -23.44 -16.42
N ALA A 71 20.00 -23.98 -16.33
CA ALA A 71 19.14 -23.69 -15.19
C ALA A 71 19.73 -24.31 -13.94
N PHE A 72 20.23 -25.54 -14.03
CA PHE A 72 20.81 -26.16 -12.85
C PHE A 72 22.05 -25.40 -12.41
N GLU A 73 22.90 -25.02 -13.37
CA GLU A 73 24.14 -24.35 -12.99
C GLU A 73 23.83 -23.03 -12.33
N TYR A 74 22.75 -22.36 -12.74
CA TYR A 74 22.45 -21.05 -12.20
C TYR A 74 21.67 -21.11 -10.88
N TYR A 75 20.68 -21.99 -10.80
CA TYR A 75 19.77 -22.02 -9.66
C TYR A 75 20.08 -23.19 -8.69
N HIS A 76 20.82 -24.20 -9.14
CA HIS A 76 21.11 -25.41 -8.34
C HIS A 76 19.83 -26.16 -7.98
N THR A 77 18.90 -26.18 -8.94
CA THR A 77 17.68 -26.96 -8.85
C THR A 77 17.40 -27.53 -10.22
N THR A 78 16.76 -28.71 -10.26
CA THR A 78 16.26 -29.20 -11.52
C THR A 78 14.76 -29.39 -11.51
N ASP A 79 14.07 -28.74 -10.59
CA ASP A 79 12.63 -28.77 -10.62
C ASP A 79 12.19 -28.07 -11.90
N PRO A 80 11.49 -28.75 -12.80
CA PRO A 80 11.15 -28.10 -14.08
C PRO A 80 10.32 -26.83 -13.90
N SER A 81 9.50 -26.76 -12.85
CA SER A 81 8.59 -25.64 -12.67
C SER A 81 9.20 -24.47 -11.90
N PHE A 82 10.45 -24.59 -11.48
CA PHE A 82 11.04 -23.55 -10.64
C PHE A 82 11.00 -22.20 -11.35
N LEU A 83 11.40 -22.19 -12.63
CA LEU A 83 11.43 -20.93 -13.38
C LEU A 83 10.06 -20.31 -13.44
N GLY A 84 9.03 -21.12 -13.68
CA GLY A 84 7.69 -20.55 -13.75
C GLY A 84 7.30 -19.93 -12.41
N ARG A 85 7.66 -20.60 -11.33
CA ARG A 85 7.33 -20.06 -10.02
C ARG A 85 8.10 -18.79 -9.77
N TYR A 86 9.37 -18.77 -10.17
CA TYR A 86 10.18 -17.57 -10.02
C TYR A 86 9.55 -16.42 -10.79
N MET A 87 9.20 -16.66 -12.07
CA MET A 87 8.61 -15.60 -12.87
C MET A 87 7.32 -15.09 -12.27
N SER A 88 6.48 -15.99 -11.75
CA SER A 88 5.23 -15.51 -11.19
C SER A 88 5.48 -14.59 -10.01
N ALA A 89 6.37 -15.00 -9.11
CA ALA A 89 6.74 -14.12 -8.00
C ALA A 89 7.29 -12.81 -8.54
N LEU A 90 8.20 -12.90 -9.50
CA LEU A 90 8.87 -11.69 -9.97
C LEU A 90 7.87 -10.69 -10.52
N ASN A 91 6.77 -11.17 -11.15
CA ASN A 91 5.80 -10.25 -11.73
C ASN A 91 5.23 -9.31 -10.69
N HIS A 92 5.15 -9.77 -9.44
CA HIS A 92 4.74 -8.97 -8.30
C HIS A 92 5.92 -8.24 -7.68
N THR A 93 7.03 -8.94 -7.41
CA THR A 93 8.08 -8.30 -6.63
C THR A 93 8.72 -7.15 -7.36
N LYS A 94 8.68 -7.15 -8.69
CA LYS A 94 9.25 -6.03 -9.42
C LYS A 94 8.47 -4.74 -9.15
N LYS A 95 7.23 -4.84 -8.64
CA LYS A 95 6.35 -3.71 -8.33
C LYS A 95 6.39 -3.30 -6.85
N TRP A 96 7.04 -4.08 -5.98
CA TRP A 96 7.24 -3.69 -4.59
C TRP A 96 8.26 -2.57 -4.50
N LYS A 97 8.20 -1.85 -3.39
CA LYS A 97 9.21 -0.84 -3.08
C LYS A 97 10.15 -1.36 -2.00
N TYR A 98 11.41 -0.95 -2.10
CA TYR A 98 12.52 -1.45 -1.28
C TYR A 98 13.21 -0.29 -0.59
N PRO A 99 12.60 0.27 0.45
CA PRO A 99 13.23 1.44 1.06
C PRO A 99 14.50 1.07 1.78
N GLN A 100 15.42 2.03 1.75
CA GLN A 100 16.64 2.00 2.54
C GLN A 100 16.34 2.45 3.96
N VAL A 101 16.54 1.59 4.93
CA VAL A 101 16.32 1.96 6.32
C VAL A 101 17.63 1.73 7.07
N ASN A 102 18.21 2.80 7.60
CA ASN A 102 19.50 2.73 8.33
C ASN A 102 20.51 1.91 7.53
N GLY A 103 20.53 2.12 6.22
CA GLY A 103 21.53 1.50 5.39
C GLY A 103 21.21 0.08 4.96
N LEU A 104 20.03 -0.45 5.29
CA LEU A 104 19.64 -1.78 4.87
C LEU A 104 18.48 -1.68 3.90
N THR A 105 18.44 -2.60 2.94
CA THR A 105 17.28 -2.76 2.06
C THR A 105 16.15 -3.46 2.79
N SER A 106 15.02 -2.80 2.91
CA SER A 106 13.81 -3.39 3.47
C SER A 106 12.80 -3.56 2.34
N ILE A 107 11.55 -3.86 2.72
CA ILE A 107 10.48 -3.93 1.74
C ILE A 107 9.28 -3.19 2.32
N LYS A 108 8.80 -2.21 1.57
CA LYS A 108 7.54 -1.56 1.90
C LYS A 108 6.41 -2.60 1.87
N TRP A 109 5.49 -2.51 2.84
CA TRP A 109 4.42 -3.47 2.94
C TRP A 109 3.54 -3.57 1.70
N ALA A 110 3.40 -4.82 1.24
CA ALA A 110 2.50 -5.28 0.19
C ALA A 110 2.36 -6.79 0.34
N ASP A 111 1.20 -7.31 -0.01
CA ASP A 111 1.02 -8.74 -0.25
C ASP A 111 1.51 -9.57 0.94
N ASN A 112 1.24 -9.08 2.15
CA ASN A 112 1.52 -9.83 3.38
C ASN A 112 2.98 -10.22 3.45
N ASN A 113 3.88 -9.33 3.07
CA ASN A 113 5.28 -9.68 2.92
C ASN A 113 6.13 -9.32 4.13
N CYS A 114 5.52 -9.10 5.30
CA CYS A 114 6.33 -8.70 6.44
C CYS A 114 7.40 -9.75 6.77
N TYR A 115 7.04 -11.03 6.69
CA TYR A 115 8.01 -12.09 6.97
C TYR A 115 9.18 -12.03 5.99
N LEU A 116 8.93 -11.68 4.72
CA LEU A 116 10.07 -11.61 3.80
C LEU A 116 10.93 -10.40 4.09
N ALA A 117 10.32 -9.28 4.46
CA ALA A 117 11.11 -8.11 4.80
C ALA A 117 12.02 -8.42 5.97
N THR A 118 11.50 -9.10 7.00
CA THR A 118 12.32 -9.47 8.14
C THR A 118 13.42 -10.43 7.75
N ALA A 119 13.12 -11.45 6.93
CA ALA A 119 14.16 -12.36 6.47
C ALA A 119 15.25 -11.60 5.70
N LEU A 120 14.84 -10.73 4.79
CA LEU A 120 15.80 -9.98 3.97
C LEU A 120 16.69 -9.11 4.85
N LEU A 121 16.07 -8.39 5.79
CA LEU A 121 16.84 -7.56 6.70
C LEU A 121 17.83 -8.43 7.47
N THR A 122 17.38 -9.60 7.93
CA THR A 122 18.27 -10.49 8.68
C THR A 122 19.45 -10.90 7.80
N LEU A 123 19.17 -11.30 6.55
CA LEU A 123 20.21 -11.80 5.66
C LEU A 123 21.30 -10.77 5.46
N GLN A 124 20.90 -9.50 5.43
CA GLN A 124 21.89 -8.44 5.23
C GLN A 124 22.77 -8.20 6.45
N GLN A 125 22.52 -8.89 7.55
CA GLN A 125 23.26 -8.68 8.79
C GLN A 125 24.04 -9.89 9.29
N ILE A 126 24.01 -11.02 8.60
CA ILE A 126 24.78 -12.18 9.02
C ILE A 126 25.67 -12.57 7.85
N GLU A 127 26.82 -13.16 8.19
CA GLU A 127 27.79 -13.57 7.18
C GLU A 127 27.34 -14.91 6.59
N LEU A 128 26.95 -14.87 5.33
CA LEU A 128 26.39 -16.01 4.64
C LEU A 128 26.71 -15.89 3.16
N LYS A 129 27.26 -16.95 2.57
CA LYS A 129 27.59 -16.96 1.16
C LYS A 129 26.75 -18.06 0.51
N PHE A 130 25.90 -17.65 -0.43
CA PHE A 130 25.04 -18.55 -1.18
C PHE A 130 25.82 -19.33 -2.22
N ASN A 131 25.34 -20.51 -2.53
CA ASN A 131 26.01 -21.35 -3.52
C ASN A 131 25.48 -21.11 -4.92
N PRO A 132 24.17 -21.12 -5.17
CA PRO A 132 23.69 -20.89 -6.53
C PRO A 132 24.05 -19.49 -6.99
N PRO A 133 24.63 -19.36 -8.19
CA PRO A 133 24.89 -18.02 -8.75
C PRO A 133 23.69 -17.11 -8.72
N ALA A 134 22.49 -17.68 -8.92
CA ALA A 134 21.27 -16.86 -8.92
C ALA A 134 21.16 -16.11 -7.61
N LEU A 135 21.39 -16.79 -6.48
CA LEU A 135 21.26 -16.14 -5.18
C LEU A 135 22.40 -15.16 -4.94
N GLN A 136 23.64 -15.52 -5.30
CA GLN A 136 24.74 -14.57 -5.16
C GLN A 136 24.41 -13.26 -5.87
N ASP A 137 24.01 -13.36 -7.14
CA ASP A 137 23.78 -12.19 -7.98
C ASP A 137 22.61 -11.39 -7.42
N ALA A 138 21.52 -12.08 -7.05
CA ALA A 138 20.32 -11.40 -6.62
C ALA A 138 20.58 -10.73 -5.29
N TYR A 139 21.39 -11.35 -4.44
CA TYR A 139 21.67 -10.74 -3.16
C TYR A 139 22.51 -9.48 -3.37
N TYR A 140 23.47 -9.54 -4.30
CA TYR A 140 24.26 -8.34 -4.61
C TYR A 140 23.34 -7.20 -5.08
N ARG A 141 22.42 -7.50 -5.99
CA ARG A 141 21.53 -6.43 -6.43
C ARG A 141 20.66 -5.94 -5.29
N ALA A 142 20.18 -6.85 -4.44
CA ALA A 142 19.30 -6.43 -3.35
C ALA A 142 20.03 -5.50 -2.39
N ARG A 143 21.29 -5.80 -2.08
CA ARG A 143 22.08 -4.84 -1.30
C ARG A 143 22.30 -3.54 -2.05
N ALA A 144 22.35 -3.60 -3.37
CA ALA A 144 22.38 -2.36 -4.16
C ALA A 144 21.04 -1.63 -4.15
N GLY A 145 19.98 -2.26 -3.66
CA GLY A 145 18.69 -1.64 -3.48
C GLY A 145 17.58 -2.13 -4.39
N GLU A 146 17.90 -3.06 -5.29
CA GLU A 146 16.97 -3.64 -6.27
C GLU A 146 16.69 -5.09 -5.86
N ALA A 147 15.80 -5.28 -4.90
CA ALA A 147 15.67 -6.58 -4.26
C ALA A 147 14.55 -7.45 -4.85
N ALA A 148 13.94 -7.01 -5.96
CA ALA A 148 12.82 -7.75 -6.55
C ALA A 148 13.25 -9.17 -6.91
N ASN A 149 14.38 -9.31 -7.60
CA ASN A 149 14.83 -10.62 -8.02
C ASN A 149 15.13 -11.51 -6.84
N PHE A 150 15.81 -10.97 -5.82
CA PHE A 150 16.14 -11.76 -4.64
C PHE A 150 14.88 -12.28 -3.96
N CYS A 151 13.90 -11.39 -3.74
CA CYS A 151 12.68 -11.79 -3.05
C CYS A 151 11.90 -12.81 -3.87
N ALA A 152 11.87 -12.66 -5.18
CA ALA A 152 11.14 -13.64 -5.99
C ALA A 152 11.84 -15.00 -5.92
N LEU A 153 13.18 -14.99 -5.90
CA LEU A 153 13.88 -16.27 -5.74
C LEU A 153 13.60 -16.88 -4.37
N ILE A 154 13.57 -16.06 -3.31
CA ILE A 154 13.25 -16.62 -2.00
C ILE A 154 11.91 -17.32 -2.05
N LEU A 155 10.90 -16.64 -2.61
CA LEU A 155 9.57 -17.23 -2.72
C LEU A 155 9.65 -18.54 -3.50
N ALA A 156 10.40 -18.53 -4.62
CA ALA A 156 10.47 -19.73 -5.46
C ALA A 156 11.13 -20.88 -4.72
N TYR A 157 12.28 -20.63 -4.08
CA TYR A 157 13.01 -21.67 -3.36
C TYR A 157 12.15 -22.23 -2.22
N CYS A 158 11.35 -21.38 -1.58
CA CYS A 158 10.55 -21.82 -0.46
C CYS A 158 9.24 -22.44 -0.90
N ASN A 159 8.95 -22.41 -2.21
CA ASN A 159 7.68 -22.86 -2.76
C ASN A 159 6.52 -22.15 -2.08
N LYS A 160 6.70 -20.85 -1.82
CA LYS A 160 5.61 -19.97 -1.43
C LYS A 160 5.30 -19.02 -2.58
N THR A 161 4.07 -18.51 -2.59
CA THR A 161 3.62 -17.54 -3.57
C THR A 161 3.44 -16.16 -2.94
N VAL A 162 3.45 -15.16 -3.81
CA VAL A 162 3.15 -13.79 -3.39
C VAL A 162 1.78 -13.78 -2.74
N GLY A 163 1.71 -13.14 -1.59
CA GLY A 163 0.49 -12.98 -0.84
C GLY A 163 0.34 -13.99 0.26
N GLU A 164 1.08 -15.07 0.20
CA GLU A 164 0.94 -16.12 1.19
C GLU A 164 1.63 -15.70 2.48
N LEU A 165 0.96 -15.96 3.61
CA LEU A 165 1.49 -15.82 4.96
C LEU A 165 2.75 -16.67 5.11
N GLY A 166 3.82 -16.06 5.59
CA GLY A 166 5.08 -16.75 5.83
C GLY A 166 5.66 -16.84 7.23
N ASP A 167 6.52 -17.83 7.44
CA ASP A 167 7.25 -18.00 8.70
C ASP A 167 8.71 -17.69 8.44
N VAL A 168 9.32 -16.83 9.28
CA VAL A 168 10.73 -16.47 9.08
C VAL A 168 11.64 -17.68 9.25
N ARG A 169 11.40 -18.49 10.29
CA ARG A 169 12.27 -19.62 10.57
C ARG A 169 12.27 -20.58 9.38
N GLU A 170 11.08 -20.87 8.83
CA GLU A 170 10.95 -21.79 7.71
C GLU A 170 11.70 -21.23 6.51
N THR A 171 11.57 -19.92 6.29
CA THR A 171 12.24 -19.28 5.16
C THR A 171 13.75 -19.45 5.29
N MET A 172 14.29 -19.19 6.50
CA MET A 172 15.72 -19.37 6.71
C MET A 172 16.13 -20.83 6.53
N SER A 173 15.28 -21.75 7.00
CA SER A 173 15.55 -23.17 6.81
C SER A 173 15.75 -23.46 5.34
N TYR A 174 14.83 -22.98 4.49
CA TYR A 174 14.96 -23.21 3.04
C TYR A 174 16.23 -22.55 2.48
N LEU A 175 16.49 -21.30 2.88
CA LEU A 175 17.63 -20.54 2.34
C LEU A 175 18.99 -21.11 2.74
N PHE A 176 19.13 -21.58 3.97
CA PHE A 176 20.39 -22.15 4.45
C PHE A 176 20.79 -23.39 3.65
N GLN A 177 19.82 -24.19 3.21
CA GLN A 177 20.13 -25.32 2.35
C GLN A 177 20.95 -24.89 1.15
N HIS A 178 20.77 -23.65 0.71
CA HIS A 178 21.47 -23.13 -0.46
C HIS A 178 22.67 -22.25 -0.09
N ALA A 179 23.17 -22.37 1.13
CA ALA A 179 24.31 -21.60 1.59
C ALA A 179 25.48 -22.55 1.84
N ASN A 180 26.68 -21.99 1.83
CA ASN A 180 27.89 -22.74 2.15
C ASN A 180 28.03 -22.68 3.67
N LEU A 181 27.55 -23.73 4.34
CA LEU A 181 27.69 -23.82 5.79
C LEU A 181 28.55 -25.00 6.18
N ASP A 182 29.41 -25.47 5.27
CA ASP A 182 30.10 -26.73 5.48
C ASP A 182 31.03 -26.65 6.69
N SER A 183 31.76 -25.55 6.83
CA SER A 183 32.72 -25.39 7.92
C SER A 183 32.08 -24.93 9.23
N CYS A 184 30.78 -25.15 9.41
CA CYS A 184 30.10 -24.87 10.67
C CYS A 184 30.02 -26.16 11.49
N LYS A 185 30.33 -26.05 12.77
CA LYS A 185 30.36 -27.21 13.65
C LYS A 185 29.81 -26.83 15.02
N ARG A 186 29.05 -27.74 15.61
CA ARG A 186 28.48 -27.53 16.93
C ARG A 186 28.69 -28.81 17.71
N VAL A 187 29.21 -28.69 18.93
CA VAL A 187 29.32 -29.82 19.83
C VAL A 187 28.46 -29.55 21.05
N LEU A 188 27.56 -30.50 21.35
CA LEU A 188 26.66 -30.46 22.49
C LEU A 188 26.99 -31.61 23.42
N ASN A 189 26.71 -31.44 24.70
CA ASN A 189 26.75 -32.51 25.68
C ASN A 189 25.40 -32.59 26.38
N VAL A 190 24.90 -33.80 26.59
CA VAL A 190 23.65 -34.00 27.32
C VAL A 190 23.97 -34.89 28.51
N VAL A 191 23.67 -34.40 29.72
CA VAL A 191 24.01 -35.06 30.96
C VAL A 191 22.73 -35.39 31.70
N CYS A 192 22.48 -36.68 31.94
CA CYS A 192 21.37 -37.15 32.74
C CYS A 192 21.92 -37.80 34.01
N LYS A 193 21.38 -37.40 35.16
CA LYS A 193 21.87 -37.96 36.41
C LYS A 193 21.65 -39.46 36.47
N THR A 194 20.65 -39.96 35.73
CA THR A 194 20.43 -41.40 35.63
C THR A 194 21.31 -42.01 34.55
N CYS A 195 21.26 -41.47 33.33
CA CYS A 195 21.74 -42.19 32.15
C CYS A 195 23.22 -41.94 31.87
N GLY A 196 23.80 -40.88 32.43
CA GLY A 196 25.13 -40.43 32.09
C GLY A 196 25.20 -39.39 30.98
N GLN A 197 26.32 -39.35 30.27
CA GLN A 197 26.61 -38.26 29.33
C GLN A 197 26.66 -38.77 27.90
N GLN A 198 26.19 -37.94 26.98
CA GLN A 198 26.29 -38.25 25.56
C GLN A 198 26.63 -36.96 24.83
N GLN A 199 27.76 -36.96 24.13
CA GLN A 199 28.15 -35.84 23.28
C GLN A 199 27.61 -36.03 21.87
N THR A 200 27.19 -34.95 21.24
CA THR A 200 26.78 -34.97 19.84
C THR A 200 27.48 -33.87 19.06
N THR A 201 27.85 -34.17 17.83
CA THR A 201 28.37 -33.18 16.89
C THR A 201 27.39 -32.97 15.76
N LEU A 202 27.12 -31.71 15.45
CA LEU A 202 26.23 -31.30 14.38
C LEU A 202 27.02 -30.46 13.38
N LYS A 203 26.69 -30.59 12.11
CA LYS A 203 27.40 -29.89 11.05
C LYS A 203 26.42 -29.16 10.14
N GLY A 204 26.87 -28.05 9.57
CA GLY A 204 26.08 -27.31 8.60
C GLY A 204 24.89 -26.62 9.24
N VAL A 205 23.71 -26.82 8.65
CA VAL A 205 22.52 -26.07 9.07
C VAL A 205 22.14 -26.40 10.50
N GLU A 206 22.16 -27.68 10.87
CA GLU A 206 21.85 -28.06 12.24
C GLU A 206 22.83 -27.46 13.23
N ALA A 207 23.99 -27.00 12.75
CA ALA A 207 24.98 -26.39 13.61
C ALA A 207 24.64 -24.95 13.97
N VAL A 208 23.77 -24.28 13.20
CA VAL A 208 23.49 -22.86 13.40
C VAL A 208 22.07 -22.57 13.89
N MET A 209 21.17 -23.55 13.92
CA MET A 209 19.78 -23.35 14.31
C MET A 209 19.45 -24.14 15.57
N TYR A 210 18.73 -23.51 16.51
CA TYR A 210 18.20 -24.21 17.66
C TYR A 210 16.79 -23.71 17.94
N MET A 211 15.86 -24.62 18.21
CA MET A 211 14.50 -24.27 18.55
C MET A 211 14.25 -24.68 19.99
N GLY A 212 13.98 -23.72 20.86
CA GLY A 212 13.59 -24.01 22.22
C GLY A 212 13.96 -22.90 23.20
N THR A 213 14.99 -22.12 22.89
CA THR A 213 15.32 -20.94 23.70
C THR A 213 15.79 -19.82 22.79
N LEU A 214 15.46 -18.58 23.18
CA LEU A 214 15.97 -17.42 22.48
C LEU A 214 17.36 -17.01 22.94
N SER A 215 17.77 -17.43 24.12
CA SER A 215 18.99 -16.92 24.75
C SER A 215 20.17 -17.80 24.41
N TYR A 216 21.15 -17.22 23.70
CA TYR A 216 22.40 -17.92 23.46
C TYR A 216 23.13 -18.19 24.77
N GLU A 217 23.09 -17.23 25.70
CA GLU A 217 23.70 -17.42 27.00
C GLU A 217 23.10 -18.63 27.71
N GLN A 218 21.77 -18.77 27.68
CA GLN A 218 21.12 -19.89 28.35
C GLN A 218 21.56 -21.20 27.71
N PHE A 219 21.73 -21.19 26.40
CA PHE A 219 22.17 -22.38 25.68
C PHE A 219 23.59 -22.75 26.09
N LYS A 220 24.41 -21.73 26.40
CA LYS A 220 25.76 -21.98 26.91
C LYS A 220 25.72 -22.56 28.32
N LYS A 221 24.77 -22.10 29.13
CA LYS A 221 24.71 -22.52 30.53
C LYS A 221 23.99 -23.85 30.67
N GLY A 222 23.01 -24.12 29.80
CA GLY A 222 22.25 -25.35 29.82
C GLY A 222 20.75 -25.16 29.79
N VAL A 223 20.08 -25.97 28.98
CA VAL A 223 18.62 -26.04 28.92
C VAL A 223 18.16 -27.44 29.32
N GLN A 224 17.04 -27.52 30.01
CA GLN A 224 16.52 -28.80 30.47
C GLN A 224 15.68 -29.40 29.35
N ILE A 225 15.93 -30.67 29.01
CA ILE A 225 15.15 -31.37 28.00
C ILE A 225 14.84 -32.78 28.49
N PRO A 226 13.80 -33.39 27.94
CA PRO A 226 13.51 -34.79 28.31
C PRO A 226 14.59 -35.74 27.83
N CYS A 227 14.94 -36.69 28.69
CA CYS A 227 15.67 -37.89 28.30
C CYS A 227 14.72 -39.04 27.98
N THR A 228 15.28 -40.11 27.44
CA THR A 228 14.49 -41.30 27.11
C THR A 228 14.07 -42.08 28.34
N CYS A 229 14.65 -41.81 29.51
CA CYS A 229 14.22 -42.45 30.73
C CYS A 229 13.07 -41.71 31.40
N GLY A 230 12.83 -40.45 31.05
CA GLY A 230 11.77 -39.64 31.61
C GLY A 230 12.23 -38.53 32.52
N LYS A 231 13.46 -38.61 33.02
CA LYS A 231 14.03 -37.53 33.82
C LYS A 231 14.32 -36.32 32.93
N GLN A 232 14.75 -35.24 33.57
CA GLN A 232 15.16 -34.03 32.86
C GLN A 232 16.68 -34.00 32.79
N ALA A 233 17.21 -34.12 31.58
CA ALA A 233 18.63 -33.98 31.32
C ALA A 233 18.95 -32.52 31.00
N THR A 234 20.23 -32.18 31.08
CA THR A 234 20.71 -30.85 30.72
C THR A 234 21.52 -30.92 29.44
N LYS A 235 21.11 -30.12 28.46
CA LYS A 235 21.82 -29.95 27.20
C LYS A 235 22.53 -28.60 27.26
N TYR A 236 23.83 -28.59 26.97
CA TYR A 236 24.53 -27.32 26.94
C TYR A 236 25.49 -27.32 25.77
N LEU A 237 25.86 -26.10 25.37
CA LEU A 237 26.77 -25.91 24.25
C LEU A 237 28.22 -26.12 24.68
N VAL A 238 28.87 -27.09 24.05
CA VAL A 238 30.29 -27.38 24.32
C VAL A 238 31.20 -26.60 23.39
N GLN A 239 30.89 -26.59 22.09
CA GLN A 239 31.72 -25.85 21.15
C GLN A 239 30.87 -25.34 19.99
N GLN A 240 31.22 -24.16 19.47
CA GLN A 240 30.57 -23.57 18.29
C GLN A 240 31.62 -22.99 17.35
N GLU A 241 31.55 -23.37 16.08
CA GLU A 241 32.38 -22.81 15.01
C GLU A 241 31.41 -22.41 13.90
N SER A 242 31.11 -21.12 13.80
CA SER A 242 30.22 -20.61 12.78
C SER A 242 30.28 -19.09 12.82
N PRO A 243 29.89 -18.41 11.74
CA PRO A 243 29.91 -16.94 11.76
C PRO A 243 28.67 -16.33 12.39
N PHE A 244 27.63 -17.13 12.65
CA PHE A 244 26.43 -16.66 13.33
C PHE A 244 25.77 -17.87 13.97
N VAL A 245 24.83 -17.60 14.88
CA VAL A 245 23.89 -18.61 15.35
C VAL A 245 22.50 -18.00 15.34
N MET A 246 21.49 -18.87 15.20
CA MET A 246 20.09 -18.49 15.23
C MET A 246 19.40 -19.23 16.36
N MET A 247 18.88 -18.49 17.34
CA MET A 247 18.16 -19.08 18.46
C MET A 247 16.69 -18.76 18.29
N SER A 248 15.84 -19.78 18.33
CA SER A 248 14.43 -19.62 18.07
C SER A 248 13.65 -20.26 19.20
N ALA A 249 12.42 -19.78 19.37
CA ALA A 249 11.49 -20.29 20.36
C ALA A 249 10.10 -19.84 19.96
N PRO A 250 9.05 -20.49 20.46
CA PRO A 250 7.70 -19.95 20.27
C PRO A 250 7.63 -18.51 20.75
N PRO A 251 6.88 -17.65 20.06
CA PRO A 251 6.93 -16.22 20.38
C PRO A 251 6.60 -16.00 21.86
N ALA A 252 7.44 -15.22 22.52
CA ALA A 252 7.24 -14.90 23.92
C ALA A 252 7.84 -13.53 24.27
N GLN A 253 7.24 -12.89 25.27
CA GLN A 253 7.77 -11.61 25.73
C GLN A 253 9.21 -11.81 26.17
N TYR A 254 10.10 -10.98 25.65
CA TYR A 254 11.53 -11.12 25.82
C TYR A 254 12.11 -9.71 25.75
N GLU A 255 13.08 -9.44 26.62
CA GLU A 255 13.76 -8.15 26.66
C GLU A 255 15.00 -8.23 25.81
N LEU A 256 15.09 -7.37 24.79
CA LEU A 256 16.31 -7.23 24.00
C LEU A 256 17.18 -6.09 24.54
N LYS A 257 18.43 -6.41 24.87
CA LYS A 257 19.36 -5.44 25.42
C LYS A 257 20.34 -5.06 24.32
N HIS A 258 20.43 -3.76 24.03
CA HIS A 258 21.38 -3.22 23.07
C HIS A 258 22.76 -3.84 23.25
N GLY A 259 23.35 -4.29 22.13
CA GLY A 259 24.72 -4.77 22.13
C GLY A 259 24.92 -6.24 22.47
N THR A 260 23.86 -6.98 22.77
CA THR A 260 23.94 -8.37 23.21
C THR A 260 23.46 -9.34 22.15
N PHE A 261 23.07 -8.84 20.98
CA PHE A 261 22.58 -9.67 19.89
C PHE A 261 22.74 -8.86 18.60
N THR A 262 22.61 -9.55 17.47
CA THR A 262 22.75 -8.92 16.15
C THR A 262 21.41 -8.37 15.71
N CYS A 263 20.41 -9.23 15.59
CA CYS A 263 19.08 -8.85 15.13
C CYS A 263 18.13 -9.93 15.62
N ALA A 264 16.85 -9.64 15.49
CA ALA A 264 15.82 -10.46 16.08
C ALA A 264 14.53 -10.30 15.29
N SER A 265 13.66 -11.29 15.45
CA SER A 265 12.35 -11.27 14.85
C SER A 265 11.30 -11.13 15.93
N GLU A 266 10.30 -10.28 15.68
CA GLU A 266 9.20 -10.08 16.61
C GLU A 266 7.95 -10.55 15.92
N TYR A 267 7.15 -11.35 16.62
CA TYR A 267 5.92 -11.86 16.04
C TYR A 267 4.81 -11.43 17.00
N THR A 268 3.89 -10.62 16.52
CA THR A 268 2.71 -10.14 17.23
C THR A 268 1.49 -10.80 16.62
N GLY A 269 0.76 -11.55 17.41
CA GLY A 269 -0.39 -12.16 16.80
C GLY A 269 -0.61 -13.55 17.36
N ASN A 270 -1.10 -14.40 16.52
CA ASN A 270 -1.53 -15.74 16.87
C ASN A 270 -0.93 -16.62 15.79
N TYR A 271 -0.69 -17.89 16.15
N TYR A 271 -0.72 -17.90 16.15
CA TYR A 271 -0.05 -18.79 15.20
CA TYR A 271 -0.09 -18.83 15.23
C TYR A 271 -0.77 -18.78 13.86
C TYR A 271 -0.79 -18.82 13.88
N GLN A 272 -2.10 -18.60 13.87
CA GLN A 272 -2.84 -18.76 12.64
C GLN A 272 -2.64 -17.58 11.70
N CYS A 273 -2.27 -16.42 12.24
CA CYS A 273 -2.35 -15.17 11.50
C CYS A 273 -1.56 -14.17 12.35
N GLY A 274 -0.63 -13.41 11.80
CA GLY A 274 0.10 -12.50 12.66
C GLY A 274 1.10 -11.68 11.88
N HIS A 275 1.90 -10.91 12.59
CA HIS A 275 2.73 -9.88 11.99
C HIS A 275 4.13 -9.91 12.56
N TYR A 276 5.09 -9.78 11.66
CA TYR A 276 6.51 -9.66 12.01
C TYR A 276 7.02 -8.23 11.94
N LYS A 277 7.90 -7.89 12.88
CA LYS A 277 8.78 -6.72 12.78
C LYS A 277 10.21 -7.21 12.97
N HIS A 278 11.17 -6.37 12.58
CA HIS A 278 12.58 -6.69 12.69
C HIS A 278 13.20 -5.77 13.72
N ILE A 279 14.03 -6.32 14.62
CA ILE A 279 14.78 -5.47 15.55
C ILE A 279 16.26 -5.71 15.28
N THR A 280 16.99 -4.63 15.06
CA THR A 280 18.42 -4.67 14.84
C THR A 280 19.15 -3.82 15.88
N SER A 281 20.26 -4.35 16.39
CA SER A 281 21.08 -3.67 17.38
C SER A 281 22.27 -2.98 16.73
N LYS A 282 22.21 -1.64 16.68
CA LYS A 282 23.26 -0.78 16.13
C LYS A 282 23.74 0.15 17.23
N GLU A 283 23.79 1.46 16.94
CA GLU A 283 24.12 2.46 17.96
C GLU A 283 23.05 2.53 19.04
N THR A 284 21.84 2.13 18.70
CA THR A 284 20.69 1.95 19.57
C THR A 284 19.86 0.82 18.98
N LEU A 285 18.69 0.55 19.54
CA LEU A 285 17.79 -0.47 19.00
C LEU A 285 16.87 0.13 17.94
N TYR A 286 16.93 -0.40 16.72
CA TYR A 286 16.05 0.04 15.65
C TYR A 286 15.03 -1.03 15.37
N CYS A 287 13.76 -0.64 15.30
CA CYS A 287 12.65 -1.50 14.96
C CYS A 287 12.18 -1.13 13.55
N ILE A 288 12.40 -2.02 12.60
CA ILE A 288 12.03 -1.83 11.21
C ILE A 288 10.77 -2.62 10.90
N ASP A 289 9.74 -1.91 10.43
CA ASP A 289 8.44 -2.46 10.08
C ASP A 289 8.18 -2.07 8.61
N GLY A 290 8.75 -2.86 7.71
CA GLY A 290 8.72 -2.52 6.31
C GLY A 290 9.44 -1.23 6.03
N ALA A 291 8.69 -0.22 5.60
CA ALA A 291 9.28 1.09 5.36
C ALA A 291 9.43 1.89 6.64
N LEU A 292 8.80 1.48 7.72
CA LEU A 292 8.71 2.28 8.93
C LEU A 292 9.91 1.99 9.82
N LEU A 293 10.36 3.02 10.52
CA LEU A 293 11.51 2.88 11.39
C LEU A 293 11.27 3.62 12.69
N THR A 294 11.49 2.93 13.80
CA THR A 294 11.50 3.62 15.07
C THR A 294 12.74 3.18 15.80
N LYS A 295 13.10 3.92 16.84
CA LYS A 295 14.28 3.55 17.60
C LYS A 295 14.00 3.72 19.09
N SER A 296 14.75 2.98 19.88
CA SER A 296 14.64 3.08 21.32
C SER A 296 15.92 2.53 21.96
N SER A 297 16.16 2.99 23.18
CA SER A 297 17.30 2.53 23.95
C SER A 297 17.03 1.19 24.62
N GLU A 298 15.79 0.90 24.99
CA GLU A 298 15.40 -0.39 25.54
C GLU A 298 14.34 -1.05 24.65
N TYR A 299 14.08 -2.33 24.93
CA TYR A 299 13.10 -3.11 24.16
C TYR A 299 12.58 -4.31 24.93
N LYS A 300 11.25 -4.43 24.97
CA LYS A 300 10.61 -5.64 25.46
C LYS A 300 9.49 -5.92 24.47
N GLY A 301 9.39 -7.15 23.99
CA GLY A 301 8.29 -7.51 23.12
C GLY A 301 8.25 -8.98 22.80
N PRO A 302 7.27 -9.39 21.97
CA PRO A 302 7.11 -10.82 21.63
C PRO A 302 8.07 -11.38 20.57
N ILE A 303 9.24 -11.77 21.03
CA ILE A 303 10.33 -12.22 20.17
C ILE A 303 10.19 -13.71 19.86
N THR A 304 10.53 -14.11 18.62
CA THR A 304 10.45 -15.51 18.20
C THR A 304 11.81 -16.04 17.72
N ASP A 305 12.71 -15.18 17.23
CA ASP A 305 14.01 -15.59 16.68
C ASP A 305 15.00 -14.49 16.99
N VAL A 306 16.20 -14.87 17.47
CA VAL A 306 17.30 -13.94 17.70
C VAL A 306 18.56 -14.49 17.05
N PHE A 307 19.27 -13.61 16.34
CA PHE A 307 20.51 -13.96 15.68
C PHE A 307 21.68 -13.33 16.41
N TYR A 308 22.77 -14.09 16.56
CA TYR A 308 23.94 -13.63 17.28
C TYR A 308 25.17 -13.84 16.41
N LYS A 309 26.14 -12.92 16.55
CA LYS A 309 27.45 -13.09 15.92
C LYS A 309 28.26 -14.13 16.66
N GLU A 310 29.06 -14.89 15.92
CA GLU A 310 29.94 -15.88 16.52
C GLU A 310 31.19 -16.02 15.65
N ASN A 311 32.23 -16.58 16.26
CA ASN A 311 33.44 -16.95 15.54
C ASN A 311 33.83 -18.35 15.97
N SER A 312 34.23 -18.46 17.24
CA SER A 312 34.59 -19.72 17.89
C SER A 312 34.29 -19.58 19.36
N TYR A 313 33.55 -20.53 19.91
CA TYR A 313 33.23 -20.60 21.33
C TYR A 313 33.55 -21.97 21.87
N THR A 314 34.21 -22.01 23.02
CA THR A 314 34.44 -23.25 23.76
C THR A 314 34.03 -23.05 25.21
N THR A 315 33.19 -23.95 25.73
CA THR A 315 32.73 -23.86 27.11
C THR A 315 33.89 -24.02 28.10
N THR A 316 33.72 -23.41 29.28
CA THR A 316 34.57 -23.66 30.44
C THR A 316 33.93 -24.65 31.42
N ILE A 317 33.16 -25.60 30.90
CA ILE A 317 32.42 -26.52 31.74
C ILE A 317 32.95 -27.94 31.56
N MET B 1 11.94 -55.72 -3.23
CA MET B 1 12.61 -54.58 -2.60
C MET B 1 11.60 -53.45 -2.33
N ASP B 2 12.07 -52.34 -1.75
CA ASP B 2 11.22 -51.22 -1.32
C ASP B 2 10.27 -51.65 -0.20
N GLU B 3 10.79 -52.41 0.76
CA GLU B 3 9.95 -52.87 1.84
C GLU B 3 9.60 -51.71 2.77
N PRO B 4 8.50 -51.82 3.49
CA PRO B 4 8.14 -50.75 4.44
C PRO B 4 9.11 -50.67 5.60
N LEU B 5 9.41 -49.43 6.02
CA LEU B 5 10.27 -49.19 7.17
C LEU B 5 9.55 -48.30 8.18
N SER B 6 10.06 -48.23 9.39
CA SER B 6 9.47 -47.39 10.44
C SER B 6 10.40 -46.24 10.75
N ILE B 7 9.84 -45.03 10.77
CA ILE B 7 10.60 -43.83 11.09
C ILE B 7 9.96 -43.16 12.30
N LEU B 8 10.73 -42.24 12.89
CA LEU B 8 10.26 -41.46 14.01
C LEU B 8 9.91 -40.06 13.55
N VAL B 9 8.85 -39.50 14.11
CA VAL B 9 8.57 -38.07 13.95
C VAL B 9 8.36 -37.49 15.33
N ARG B 10 9.25 -36.55 15.71
CA ARG B 10 9.27 -35.89 17.01
C ARG B 10 8.52 -34.57 16.90
N ASN B 11 7.48 -34.39 17.72
CA ASN B 11 6.66 -33.19 17.67
C ASN B 11 7.33 -32.03 18.40
N ASN B 12 6.67 -30.88 18.39
CA ASN B 12 7.22 -29.67 18.97
C ASN B 12 7.42 -29.78 20.48
N LYS B 13 6.73 -30.70 21.14
CA LYS B 13 6.86 -30.84 22.58
C LYS B 13 7.92 -31.87 22.97
N GLY B 14 8.40 -32.69 22.04
CA GLY B 14 9.48 -33.62 22.29
C GLY B 14 9.14 -35.10 22.19
N ARG B 15 7.87 -35.48 22.00
CA ARG B 15 7.54 -36.90 21.89
C ARG B 15 7.73 -37.38 20.44
N SER B 16 8.51 -38.45 20.29
CA SER B 16 8.63 -39.11 18.99
C SER B 16 7.57 -40.19 18.86
N SER B 17 7.12 -40.42 17.64
CA SER B 17 6.18 -41.50 17.37
C SER B 17 6.62 -42.26 16.13
N THR B 18 6.31 -43.55 16.09
CA THR B 18 6.70 -44.36 14.94
C THR B 18 5.64 -44.29 13.85
N TYR B 19 6.10 -44.45 12.61
CA TYR B 19 5.24 -44.44 11.45
C TYR B 19 5.80 -45.46 10.46
N GLU B 20 4.96 -46.38 9.98
CA GLU B 20 5.36 -47.25 8.90
C GLU B 20 5.19 -46.51 7.58
N VAL B 21 6.24 -46.49 6.77
CA VAL B 21 6.28 -45.73 5.54
C VAL B 21 7.01 -46.56 4.49
N ARG B 22 6.99 -46.06 3.26
CA ARG B 22 7.77 -46.62 2.16
C ARG B 22 8.44 -45.47 1.44
N LEU B 23 9.76 -45.56 1.25
CA LEU B 23 10.49 -44.45 0.65
C LEU B 23 9.90 -44.03 -0.69
N THR B 24 9.11 -44.89 -1.30
CA THR B 24 8.43 -44.55 -2.54
C THR B 24 7.28 -43.57 -2.33
N GLN B 25 6.76 -43.44 -1.11
CA GLN B 25 5.62 -42.56 -0.87
C GLN B 25 6.08 -41.12 -0.59
N THR B 26 5.19 -40.17 -0.87
CA THR B 26 5.51 -38.75 -0.83
C THR B 26 5.57 -38.20 0.58
N VAL B 27 6.33 -37.11 0.73
CA VAL B 27 6.36 -36.38 2.00
C VAL B 27 4.96 -36.02 2.45
N ALA B 28 4.08 -35.67 1.51
CA ALA B 28 2.72 -35.30 1.87
C ALA B 28 1.95 -36.45 2.50
N HIS B 29 2.24 -37.69 2.10
CA HIS B 29 1.57 -38.81 2.74
C HIS B 29 2.02 -38.99 4.18
N LEU B 30 3.32 -38.85 4.44
CA LEU B 30 3.80 -38.86 5.81
C LEU B 30 3.21 -37.72 6.60
N LYS B 31 3.05 -36.56 5.94
CA LYS B 31 2.47 -35.40 6.61
C LYS B 31 1.02 -35.65 6.99
N GLN B 32 0.29 -36.35 6.13
CA GLN B 32 -1.08 -36.75 6.49
C GLN B 32 -1.06 -37.65 7.71
N GLN B 33 -0.15 -38.63 7.75
CA GLN B 33 -0.08 -39.53 8.91
C GLN B 33 0.22 -38.76 10.19
N VAL B 34 1.17 -37.83 10.12
CA VAL B 34 1.55 -37.06 11.30
C VAL B 34 0.40 -36.18 11.74
N SER B 35 -0.30 -35.55 10.80
CA SER B 35 -1.47 -34.76 11.15
C SER B 35 -2.52 -35.62 11.85
N GLY B 36 -2.80 -36.80 11.31
CA GLY B 36 -3.77 -37.67 11.94
C GLY B 36 -3.39 -38.04 13.36
N LEU B 37 -2.11 -38.38 13.58
CA LEU B 37 -1.70 -38.89 14.89
C LEU B 37 -1.58 -37.77 15.91
N GLU B 38 -1.04 -36.62 15.51
CA GLU B 38 -0.86 -35.50 16.43
C GLU B 38 -2.11 -34.65 16.59
N GLY B 39 -3.08 -34.77 15.68
CA GLY B 39 -4.23 -33.90 15.74
C GLY B 39 -3.92 -32.45 15.47
N VAL B 40 -2.95 -32.18 14.59
CA VAL B 40 -2.63 -30.84 14.15
C VAL B 40 -2.81 -30.80 12.64
N GLN B 41 -3.49 -29.76 12.16
CA GLN B 41 -3.79 -29.67 10.74
C GLN B 41 -2.48 -29.60 9.96
N ASP B 42 -2.43 -30.30 8.82
CA ASP B 42 -1.18 -30.39 8.06
C ASP B 42 -0.72 -29.04 7.50
N ASP B 43 -1.56 -28.00 7.55
CA ASP B 43 -1.14 -26.67 7.15
C ASP B 43 -0.37 -25.94 8.25
N LEU B 44 -0.47 -26.43 9.47
CA LEU B 44 0.08 -25.76 10.64
C LEU B 44 1.53 -26.09 10.94
N PHE B 45 2.13 -27.05 10.23
CA PHE B 45 3.50 -27.47 10.53
C PHE B 45 4.25 -27.86 9.26
N TRP B 46 5.57 -27.90 9.39
CA TRP B 46 6.48 -28.34 8.35
C TRP B 46 7.42 -29.38 8.95
N LEU B 47 7.97 -30.23 8.09
CA LEU B 47 8.83 -31.31 8.53
C LEU B 47 10.26 -31.06 8.08
N THR B 48 11.21 -31.43 8.93
CA THR B 48 12.62 -31.35 8.57
C THR B 48 13.30 -32.68 8.87
N PHE B 49 14.28 -33.02 8.06
CA PHE B 49 15.15 -34.16 8.31
C PHE B 49 16.58 -33.69 8.22
N GLU B 50 17.35 -33.90 9.28
CA GLU B 50 18.76 -33.48 9.35
C GLU B 50 18.92 -32.01 8.96
N GLY B 51 17.96 -31.19 9.36
CA GLY B 51 17.98 -29.78 9.03
C GLY B 51 17.21 -29.42 7.77
N LYS B 52 17.17 -30.31 6.78
CA LYS B 52 16.58 -29.97 5.48
C LYS B 52 15.06 -30.07 5.55
N PRO B 53 14.32 -29.06 5.11
CA PRO B 53 12.85 -29.17 5.11
C PRO B 53 12.36 -30.10 4.00
N LEU B 54 11.29 -30.83 4.29
CA LEU B 54 10.75 -31.84 3.38
C LEU B 54 9.62 -31.24 2.57
N GLU B 55 9.75 -31.30 1.23
CA GLU B 55 8.76 -30.79 0.30
C GLU B 55 7.69 -31.84 0.01
N ASP B 56 6.42 -31.44 0.10
CA ASP B 56 5.32 -32.41 0.10
C ASP B 56 5.33 -33.31 -1.13
N GLN B 57 5.68 -32.77 -2.30
CA GLN B 57 5.52 -33.51 -3.55
C GLN B 57 6.58 -34.58 -3.78
N LEU B 58 7.73 -34.51 -3.05
CA LEU B 58 8.82 -35.45 -3.30
C LEU B 58 8.67 -36.73 -2.50
N PRO B 59 9.17 -37.86 -3.02
CA PRO B 59 9.12 -39.11 -2.26
C PRO B 59 10.20 -39.13 -1.18
N LEU B 60 9.83 -39.71 -0.02
CA LEU B 60 10.72 -39.73 1.14
C LEU B 60 12.11 -40.25 0.80
N GLY B 61 12.20 -41.19 -0.16
CA GLY B 61 13.50 -41.69 -0.58
C GLY B 61 14.47 -40.61 -1.02
N GLU B 62 13.96 -39.53 -1.63
CA GLU B 62 14.83 -38.43 -2.04
C GLU B 62 15.67 -37.87 -0.91
N TYR B 63 15.32 -38.16 0.34
CA TYR B 63 15.96 -37.52 1.47
C TYR B 63 16.90 -38.44 2.24
N GLY B 64 17.08 -39.67 1.77
CA GLY B 64 17.98 -40.57 2.47
C GLY B 64 17.48 -41.03 3.81
N LEU B 65 16.16 -41.03 3.99
CA LEU B 65 15.58 -41.56 5.22
C LEU B 65 15.87 -43.05 5.32
N LYS B 66 16.37 -43.47 6.48
CA LYS B 66 16.72 -44.84 6.78
C LYS B 66 15.86 -45.31 7.96
N PRO B 67 15.77 -46.61 8.24
CA PRO B 67 14.98 -47.07 9.38
C PRO B 67 15.36 -46.40 10.69
N LEU B 68 14.33 -46.00 11.45
CA LEU B 68 14.44 -45.28 12.71
C LEU B 68 15.09 -43.91 12.57
N SER B 69 15.04 -43.32 11.38
CA SER B 69 15.36 -41.90 11.27
C SER B 69 14.31 -41.08 12.02
N THR B 70 14.73 -39.92 12.51
CA THR B 70 13.82 -39.01 13.18
C THR B 70 13.64 -37.77 12.32
N VAL B 71 12.41 -37.55 11.90
CA VAL B 71 11.95 -36.30 11.30
C VAL B 71 11.47 -35.41 12.44
N PHE B 72 11.67 -34.11 12.29
CA PHE B 72 11.24 -33.11 13.26
C PHE B 72 10.02 -32.37 12.73
N MET B 73 9.00 -32.23 13.58
CA MET B 73 7.76 -31.57 13.26
C MET B 73 7.83 -30.16 13.85
N ASN B 74 7.89 -29.15 12.98
CA ASN B 74 8.07 -27.75 13.38
C ASN B 74 6.76 -27.01 13.21
N LEU B 75 6.27 -26.44 14.31
CA LEU B 75 5.08 -25.61 14.26
C LEU B 75 5.36 -24.34 13.47
N ARG B 76 4.48 -24.05 12.52
CA ARG B 76 4.69 -22.99 11.56
C ARG B 76 3.87 -21.76 11.94
N LEU B 77 4.49 -20.58 11.79
CA LEU B 77 3.82 -19.31 12.03
C LEU B 77 3.35 -18.73 10.71
N ARG B 78 2.19 -18.09 10.71
CA ARG B 78 1.67 -17.45 9.49
C ARG B 78 1.74 -15.95 9.71
N GLY B 79 2.91 -15.39 9.48
CA GLY B 79 3.09 -13.97 9.63
C GLY B 79 2.84 -13.30 8.32
C2 AYE B 80 3.00 -9.84 7.53
C3 AYE B 80 2.39 -8.72 7.23
C1 AYE B 80 2.31 -11.19 7.24
N1 AYE B 80 2.43 -12.05 8.41
N VAL C 5 -26.59 -37.09 -33.17
CA VAL C 5 -25.84 -36.38 -32.14
C VAL C 5 -26.42 -36.62 -30.74
N ARG C 6 -25.54 -36.85 -29.77
CA ARG C 6 -25.99 -37.15 -28.42
C ARG C 6 -26.30 -35.85 -27.67
N THR C 7 -27.44 -35.82 -26.99
CA THR C 7 -27.85 -34.67 -26.20
C THR C 7 -28.36 -35.14 -24.84
N ILE C 8 -28.25 -34.25 -23.85
CA ILE C 8 -28.86 -34.53 -22.55
C ILE C 8 -29.68 -33.33 -22.09
N LYS C 9 -30.64 -33.61 -21.20
CA LYS C 9 -31.41 -32.59 -20.52
C LYS C 9 -30.69 -32.19 -19.22
N VAL C 10 -30.49 -30.89 -19.04
CA VAL C 10 -30.05 -30.28 -17.78
C VAL C 10 -30.95 -29.09 -17.46
N PHE C 11 -30.79 -28.54 -16.26
CA PHE C 11 -31.46 -27.29 -15.89
C PHE C 11 -30.44 -26.19 -15.63
N THR C 12 -30.73 -24.98 -16.09
CA THR C 12 -29.96 -23.80 -15.72
C THR C 12 -30.72 -22.93 -14.72
N THR C 13 -29.96 -22.13 -14.00
CA THR C 13 -30.50 -21.30 -12.94
C THR C 13 -29.54 -20.17 -12.68
N VAL C 14 -30.05 -19.10 -12.06
CA VAL C 14 -29.21 -18.13 -11.37
C VAL C 14 -29.46 -18.09 -9.88
N ASP C 15 -30.57 -18.67 -9.40
CA ASP C 15 -30.96 -18.59 -8.00
C ASP C 15 -31.16 -19.94 -7.32
N ASN C 16 -31.07 -21.05 -8.07
CA ASN C 16 -31.30 -22.39 -7.56
C ASN C 16 -32.76 -22.60 -7.10
N ILE C 17 -33.69 -21.76 -7.54
CA ILE C 17 -35.10 -21.94 -7.25
C ILE C 17 -35.88 -22.06 -8.55
N ASN C 18 -35.82 -21.04 -9.39
CA ASN C 18 -36.41 -21.12 -10.70
C ASN C 18 -35.49 -21.92 -11.63
N LEU C 19 -35.93 -23.09 -12.09
CA LEU C 19 -35.08 -23.90 -12.97
C LEU C 19 -35.56 -23.79 -14.42
N HIS C 20 -34.61 -23.87 -15.35
CA HIS C 20 -34.90 -23.73 -16.78
C HIS C 20 -34.36 -24.91 -17.55
N THR C 21 -35.25 -25.70 -18.13
CA THR C 21 -34.86 -26.87 -18.88
C THR C 21 -34.08 -26.50 -20.14
N GLN C 22 -32.95 -27.19 -20.35
CA GLN C 22 -32.09 -27.04 -21.52
C GLN C 22 -31.74 -28.43 -22.05
N VAL C 23 -31.66 -28.55 -23.37
CA VAL C 23 -31.08 -29.73 -24.01
C VAL C 23 -29.73 -29.33 -24.59
N VAL C 24 -28.66 -29.96 -24.13
CA VAL C 24 -27.29 -29.64 -24.51
C VAL C 24 -26.69 -30.73 -25.38
N ASP C 25 -25.93 -30.30 -26.38
CA ASP C 25 -25.16 -31.17 -27.28
C ASP C 25 -23.87 -31.59 -26.57
N MET C 26 -23.67 -32.89 -26.43
CA MET C 26 -22.55 -33.45 -25.67
C MET C 26 -21.20 -33.28 -26.36
N SER C 27 -21.18 -32.84 -27.61
CA SER C 27 -19.93 -32.63 -28.33
C SER C 27 -19.37 -31.22 -28.16
N MET C 28 -20.10 -30.33 -27.50
CA MET C 28 -19.68 -28.94 -27.29
C MET C 28 -19.56 -28.66 -25.80
N THR C 29 -18.68 -27.72 -25.46
CA THR C 29 -18.52 -27.38 -24.05
C THR C 29 -19.76 -26.67 -23.52
N TYR C 30 -19.90 -26.67 -22.20
CA TYR C 30 -20.90 -25.81 -21.58
C TYR C 30 -20.69 -24.36 -21.98
N GLY C 31 -19.43 -23.92 -22.01
CA GLY C 31 -19.15 -22.52 -22.33
C GLY C 31 -19.68 -22.15 -23.70
N GLN C 32 -19.51 -23.04 -24.69
CA GLN C 32 -19.96 -22.79 -26.05
C GLN C 32 -21.48 -22.62 -26.13
N GLN C 33 -22.21 -23.21 -25.18
CA GLN C 33 -23.67 -23.29 -25.23
C GLN C 33 -24.34 -22.28 -24.32
N PHE C 34 -23.76 -22.01 -23.14
CA PHE C 34 -24.37 -21.19 -22.09
C PHE C 34 -23.54 -19.98 -21.68
N GLY C 35 -22.28 -19.90 -22.07
CA GLY C 35 -21.38 -18.96 -21.44
C GLY C 35 -20.87 -19.59 -20.16
N PRO C 36 -20.34 -18.77 -19.25
CA PRO C 36 -19.78 -19.32 -18.00
C PRO C 36 -20.82 -20.18 -17.29
N THR C 37 -20.42 -21.37 -16.90
CA THR C 37 -21.30 -22.38 -16.35
C THR C 37 -20.64 -23.02 -15.14
N TYR C 38 -21.41 -23.21 -14.10
CA TYR C 38 -20.92 -23.74 -12.84
C TYR C 38 -21.82 -24.87 -12.36
N LEU C 39 -21.19 -25.89 -11.81
CA LEU C 39 -21.86 -27.02 -11.19
C LEU C 39 -21.42 -27.02 -9.74
N ASP C 40 -22.32 -26.63 -8.84
CA ASP C 40 -22.01 -26.57 -7.41
C ASP C 40 -20.76 -25.71 -7.14
N GLY C 41 -20.64 -24.61 -7.88
CA GLY C 41 -19.53 -23.71 -7.71
C GLY C 41 -18.35 -23.99 -8.64
N ALA C 42 -18.25 -25.22 -9.15
CA ALA C 42 -17.11 -25.59 -9.97
C ALA C 42 -17.30 -25.05 -11.38
N ASP C 43 -16.26 -24.41 -11.91
CA ASP C 43 -16.32 -23.87 -13.26
C ASP C 43 -16.26 -25.00 -14.27
N VAL C 44 -17.36 -25.23 -14.98
CA VAL C 44 -17.45 -26.27 -15.99
C VAL C 44 -17.54 -25.67 -17.39
N THR C 45 -17.16 -24.40 -17.53
CA THR C 45 -17.27 -23.70 -18.81
C THR C 45 -16.55 -24.45 -19.92
N LYS C 46 -15.38 -25.03 -19.63
CA LYS C 46 -14.52 -25.63 -20.64
C LYS C 46 -14.72 -27.14 -20.74
N ILE C 47 -15.70 -27.69 -20.03
CA ILE C 47 -15.98 -29.12 -19.98
C ILE C 47 -17.14 -29.44 -20.93
N LYS C 48 -17.08 -30.67 -21.59
CA LYS C 48 -18.20 -31.18 -22.38
C LYS C 48 -19.14 -32.00 -21.50
N PRO C 49 -20.44 -32.00 -21.80
CA PRO C 49 -21.39 -32.76 -20.98
C PRO C 49 -21.00 -34.22 -20.80
N HIS C 50 -21.12 -34.68 -19.55
CA HIS C 50 -20.99 -36.06 -19.15
C HIS C 50 -22.37 -36.70 -19.07
N ASN C 51 -22.44 -38.01 -19.34
CA ASN C 51 -23.69 -38.74 -19.14
C ASN C 51 -24.26 -38.52 -17.76
N SER C 52 -23.40 -38.51 -16.74
CA SER C 52 -23.86 -38.37 -15.36
C SER C 52 -24.47 -36.99 -15.07
N HIS C 53 -24.28 -36.00 -15.95
CA HIS C 53 -24.81 -34.66 -15.76
C HIS C 53 -26.30 -34.54 -16.04
N GLU C 54 -26.93 -35.53 -16.68
CA GLU C 54 -28.33 -35.35 -17.08
C GLU C 54 -29.20 -35.13 -15.84
N GLY C 55 -30.04 -34.10 -15.90
CA GLY C 55 -30.93 -33.76 -14.83
C GLY C 55 -30.36 -32.83 -13.77
N LYS C 56 -29.06 -32.58 -13.78
CA LYS C 56 -28.43 -31.74 -12.76
C LYS C 56 -28.70 -30.26 -13.03
N THR C 57 -28.56 -29.45 -11.97
CA THR C 57 -28.74 -28.00 -12.07
C THR C 57 -27.40 -27.30 -12.17
N PHE C 58 -27.30 -26.40 -13.15
CA PHE C 58 -26.13 -25.59 -13.41
C PHE C 58 -26.47 -24.11 -13.25
N TYR C 59 -25.58 -23.38 -12.59
CA TYR C 59 -25.67 -21.93 -12.56
C TYR C 59 -25.08 -21.37 -13.84
N VAL C 60 -25.72 -20.33 -14.36
CA VAL C 60 -25.22 -19.62 -15.53
C VAL C 60 -25.19 -18.14 -15.17
N LEU C 61 -24.53 -17.34 -16.03
CA LEU C 61 -24.59 -15.91 -15.74
C LEU C 61 -25.89 -15.29 -16.24
N PRO C 62 -26.35 -14.20 -15.64
CA PRO C 62 -27.62 -13.63 -16.09
C PRO C 62 -27.50 -13.00 -17.47
N ASN C 63 -27.77 -13.78 -18.51
CA ASN C 63 -27.39 -13.43 -19.87
C ASN C 63 -28.61 -13.16 -20.74
N ASP C 64 -29.80 -13.13 -20.13
CA ASP C 64 -31.02 -12.70 -20.79
C ASP C 64 -31.94 -12.06 -19.77
N ASP C 65 -33.03 -11.45 -20.26
CA ASP C 65 -33.88 -10.64 -19.38
C ASP C 65 -34.51 -11.46 -18.26
N THR C 66 -34.98 -12.68 -18.57
CA THR C 66 -35.59 -13.50 -17.52
C THR C 66 -34.58 -13.76 -16.41
N LEU C 67 -33.35 -14.13 -16.77
CA LEU C 67 -32.36 -14.43 -15.76
C LEU C 67 -31.94 -13.17 -15.02
N ARG C 68 -31.83 -12.03 -15.73
CA ARG C 68 -31.47 -10.77 -15.06
C ARG C 68 -32.50 -10.45 -13.99
N VAL C 69 -33.79 -10.59 -14.32
CA VAL C 69 -34.83 -10.31 -13.33
C VAL C 69 -34.74 -11.30 -12.17
N GLU C 70 -34.58 -12.60 -12.47
CA GLU C 70 -34.51 -13.60 -11.41
C GLU C 70 -33.34 -13.30 -10.47
N ALA C 71 -32.21 -12.91 -11.06
CA ALA C 71 -31.01 -12.66 -10.28
C ALA C 71 -31.23 -11.44 -9.40
N PHE C 72 -31.86 -10.39 -9.96
CA PHE C 72 -32.09 -9.20 -9.15
C PHE C 72 -33.05 -9.51 -8.01
N GLU C 73 -34.12 -10.26 -8.30
CA GLU C 73 -35.11 -10.54 -7.26
C GLU C 73 -34.50 -11.37 -6.15
N TYR C 74 -33.54 -12.24 -6.48
CA TYR C 74 -32.96 -13.15 -5.47
C TYR C 74 -31.83 -12.47 -4.69
N TYR C 75 -30.96 -11.75 -5.38
CA TYR C 75 -29.75 -11.21 -4.77
C TYR C 75 -29.86 -9.71 -4.45
N HIS C 76 -30.81 -8.99 -5.07
CA HIS C 76 -30.99 -7.55 -4.87
C HIS C 76 -29.75 -6.75 -5.29
N THR C 77 -29.14 -7.19 -6.38
CA THR C 77 -28.05 -6.50 -7.03
C THR C 77 -28.24 -6.67 -8.53
N THR C 78 -27.75 -5.70 -9.29
CA THR C 78 -27.68 -5.87 -10.72
C THR C 78 -26.24 -5.80 -11.19
N ASP C 79 -25.29 -6.04 -10.28
CA ASP C 79 -23.89 -6.11 -10.65
C ASP C 79 -23.69 -7.30 -11.58
N PRO C 80 -23.24 -7.08 -12.82
CA PRO C 80 -23.13 -8.20 -13.76
C PRO C 80 -22.20 -9.30 -13.26
N SER C 81 -21.18 -8.97 -12.47
CA SER C 81 -20.18 -9.94 -12.01
C SER C 81 -20.55 -10.65 -10.72
N PHE C 82 -21.72 -10.34 -10.13
CA PHE C 82 -22.04 -10.89 -8.81
C PHE C 82 -22.06 -12.42 -8.81
N LEU C 83 -22.75 -13.03 -9.78
CA LEU C 83 -22.87 -14.49 -9.76
C LEU C 83 -21.53 -15.18 -9.87
N GLY C 84 -20.65 -14.69 -10.76
CA GLY C 84 -19.34 -15.30 -10.89
C GLY C 84 -18.53 -15.20 -9.61
N ARG C 85 -18.61 -14.06 -8.93
CA ARG C 85 -17.87 -13.90 -7.70
C ARG C 85 -18.43 -14.83 -6.63
N TYR C 86 -19.76 -14.93 -6.57
CA TYR C 86 -20.41 -15.83 -5.63
C TYR C 86 -19.99 -17.27 -5.88
N MET C 87 -20.06 -17.72 -7.14
CA MET C 87 -19.70 -19.10 -7.47
C MET C 87 -18.24 -19.37 -7.12
N SER C 88 -17.37 -18.41 -7.38
CA SER C 88 -15.96 -18.60 -7.05
C SER C 88 -15.77 -18.74 -5.55
N ALA C 89 -16.44 -17.92 -4.75
CA ALA C 89 -16.34 -18.10 -3.30
C ALA C 89 -16.86 -19.46 -2.89
N LEU C 90 -18.04 -19.83 -3.41
CA LEU C 90 -18.72 -21.04 -3.01
C LEU C 90 -17.86 -22.26 -3.28
N ASN C 91 -17.07 -22.22 -4.36
CA ASN C 91 -16.23 -23.36 -4.71
C ASN C 91 -15.25 -23.67 -3.58
N HIS C 92 -14.85 -22.66 -2.80
CA HIS C 92 -14.01 -22.87 -1.62
C HIS C 92 -14.85 -23.14 -0.39
N THR C 93 -15.88 -22.31 -0.14
CA THR C 93 -16.60 -22.40 1.12
C THR C 93 -17.35 -23.72 1.25
N LYS C 94 -17.70 -24.36 0.13
CA LYS C 94 -18.37 -25.66 0.22
C LYS C 94 -17.44 -26.71 0.83
N LYS C 95 -16.14 -26.46 0.83
CA LYS C 95 -15.12 -27.37 1.35
C LYS C 95 -14.71 -27.05 2.78
N TRP C 96 -15.15 -25.93 3.33
CA TRP C 96 -14.93 -25.59 4.73
C TRP C 96 -15.80 -26.48 5.63
N LYS C 97 -15.40 -26.60 6.89
CA LYS C 97 -16.23 -27.29 7.88
C LYS C 97 -16.93 -26.29 8.79
N TYR C 98 -18.15 -26.63 9.20
CA TYR C 98 -19.02 -25.74 9.96
C TYR C 98 -19.48 -26.46 11.23
N PRO C 99 -18.57 -26.60 12.19
CA PRO C 99 -18.93 -27.30 13.42
C PRO C 99 -19.87 -26.47 14.25
N GLN C 100 -20.74 -27.16 14.99
CA GLN C 100 -21.53 -26.52 16.02
C GLN C 100 -20.64 -26.34 17.24
N VAL C 101 -20.43 -25.10 17.65
CA VAL C 101 -19.63 -24.79 18.84
C VAL C 101 -20.52 -24.01 19.79
N ASN C 102 -20.76 -24.56 20.98
CA ASN C 102 -21.65 -23.94 21.97
C ASN C 102 -22.99 -23.53 21.35
N GLY C 103 -23.53 -24.39 20.48
CA GLY C 103 -24.86 -24.21 19.94
C GLY C 103 -24.94 -23.26 18.76
N LEU C 104 -23.81 -22.72 18.32
CA LEU C 104 -23.71 -21.81 17.19
C LEU C 104 -22.92 -22.45 16.06
N THR C 105 -23.28 -22.12 14.83
CA THR C 105 -22.46 -22.52 13.69
C THR C 105 -21.19 -21.67 13.62
N SER C 106 -20.03 -22.31 13.70
CA SER C 106 -18.76 -21.63 13.51
C SER C 106 -18.14 -22.11 12.20
N ILE C 107 -16.87 -21.75 11.98
CA ILE C 107 -16.15 -22.22 10.81
C ILE C 107 -14.79 -22.70 11.27
N LYS C 108 -14.47 -23.94 10.96
CA LYS C 108 -13.11 -24.45 11.16
C LYS C 108 -12.16 -23.60 10.32
N TRP C 109 -11.00 -23.28 10.88
CA TRP C 109 -10.07 -22.40 10.20
C TRP C 109 -9.64 -22.93 8.84
N ALA C 110 -9.76 -22.04 7.85
CA ALA C 110 -9.26 -22.18 6.48
C ALA C 110 -9.19 -20.81 5.84
N ASP C 111 -8.22 -20.61 4.96
CA ASP C 111 -8.24 -19.49 4.01
C ASP C 111 -8.40 -18.16 4.73
N ASN C 112 -7.76 -18.01 5.89
CA ASN C 112 -7.74 -16.74 6.61
C ASN C 112 -9.15 -16.27 6.94
N ASN C 113 -10.01 -17.20 7.34
CA ASN C 113 -11.42 -16.88 7.50
C ASN C 113 -11.81 -16.56 8.94
N CYS C 114 -10.85 -16.21 9.80
CA CYS C 114 -11.21 -15.90 11.18
C CYS C 114 -12.22 -14.77 11.26
N TYR C 115 -12.04 -13.72 10.44
CA TYR C 115 -12.97 -12.59 10.46
C TYR C 115 -14.36 -13.02 10.03
N LEU C 116 -14.47 -13.98 9.09
CA LEU C 116 -15.80 -14.41 8.68
C LEU C 116 -16.45 -15.26 9.77
N ALA C 117 -15.66 -16.10 10.44
CA ALA C 117 -16.20 -16.90 11.53
C ALA C 117 -16.77 -16.02 12.63
N THR C 118 -16.02 -14.97 13.01
CA THR C 118 -16.51 -14.05 14.03
C THR C 118 -17.77 -13.32 13.56
N ALA C 119 -17.80 -12.88 12.29
CA ALA C 119 -19.01 -12.26 11.76
C ALA C 119 -20.21 -13.20 11.82
N LEU C 120 -20.04 -14.45 11.36
CA LEU C 120 -21.14 -15.42 11.34
C LEU C 120 -21.64 -15.72 12.76
N LEU C 121 -20.70 -15.95 13.67
CA LEU C 121 -21.10 -16.21 15.06
C LEU C 121 -21.88 -15.02 15.59
N THR C 122 -21.42 -13.80 15.31
CA THR C 122 -22.13 -12.61 15.78
C THR C 122 -23.54 -12.58 15.21
N LEU C 123 -23.67 -12.81 13.90
CA LEU C 123 -24.97 -12.70 13.24
C LEU C 123 -25.97 -13.64 13.88
N GLN C 124 -25.50 -14.82 14.31
CA GLN C 124 -26.43 -15.79 14.90
C GLN C 124 -26.91 -15.37 16.30
N GLN C 125 -26.40 -14.26 16.83
CA GLN C 125 -26.72 -13.79 18.18
C GLN C 125 -27.42 -12.44 18.24
N ILE C 126 -27.70 -11.80 17.10
CA ILE C 126 -28.40 -10.53 17.11
C ILE C 126 -29.63 -10.69 16.22
N GLU C 127 -30.68 -9.92 16.54
CA GLU C 127 -31.93 -9.97 15.79
C GLU C 127 -31.80 -9.16 14.51
N LEU C 128 -31.84 -9.86 13.39
CA LEU C 128 -31.62 -9.26 12.08
C LEU C 128 -32.37 -10.05 11.02
N LYS C 129 -33.10 -9.34 10.16
CA LYS C 129 -33.83 -9.92 9.04
C LYS C 129 -33.25 -9.34 7.75
N PHE C 130 -32.72 -10.21 6.90
CA PHE C 130 -32.16 -9.81 5.62
C PHE C 130 -33.25 -9.55 4.59
N ASN C 131 -32.95 -8.66 3.64
CA ASN C 131 -33.92 -8.32 2.60
C ASN C 131 -33.77 -9.22 1.37
N PRO C 132 -32.59 -9.41 0.80
CA PRO C 132 -32.49 -10.28 -0.37
C PRO C 132 -32.86 -11.71 0.00
N PRO C 133 -33.73 -12.35 -0.77
CA PRO C 133 -34.02 -13.78 -0.51
C PRO C 133 -32.78 -14.65 -0.39
N ALA C 134 -31.73 -14.36 -1.16
CA ALA C 134 -30.52 -15.17 -1.08
C ALA C 134 -30.00 -15.19 0.36
N LEU C 135 -29.94 -14.03 1.00
CA LEU C 135 -29.40 -13.99 2.35
C LEU C 135 -30.37 -14.63 3.35
N GLN C 136 -31.67 -14.37 3.20
CA GLN C 136 -32.64 -15.02 4.08
C GLN C 136 -32.44 -16.54 4.06
N ASP C 137 -32.42 -17.11 2.86
CA ASP C 137 -32.36 -18.57 2.72
C ASP C 137 -31.05 -19.11 3.27
N ALA C 138 -29.94 -18.46 2.90
CA ALA C 138 -28.65 -18.97 3.28
C ALA C 138 -28.45 -18.83 4.76
N TYR C 139 -28.99 -17.77 5.37
CA TYR C 139 -28.82 -17.59 6.80
C TYR C 139 -29.61 -18.65 7.55
N TYR C 140 -30.81 -18.97 7.06
CA TYR C 140 -31.58 -20.05 7.67
C TYR C 140 -30.78 -21.36 7.64
N ARG C 141 -30.19 -21.65 6.48
CA ARG C 141 -29.42 -22.89 6.35
C ARG C 141 -28.20 -22.85 7.26
N ALA C 142 -27.54 -21.69 7.34
CA ALA C 142 -26.35 -21.56 8.16
C ALA C 142 -26.66 -21.78 9.62
N ARG C 143 -27.77 -21.21 10.11
CA ARG C 143 -28.18 -21.48 11.48
C ARG C 143 -28.47 -22.95 11.68
N ALA C 144 -28.96 -23.63 10.64
CA ALA C 144 -29.12 -25.08 10.71
C ALA C 144 -27.79 -25.83 10.62
N GLY C 145 -26.69 -25.16 10.29
CA GLY C 145 -25.36 -25.73 10.27
C GLY C 145 -24.72 -25.90 8.91
N GLU C 146 -25.39 -25.54 7.83
CA GLU C 146 -24.88 -25.66 6.46
C GLU C 146 -24.60 -24.25 5.93
N ALA C 147 -23.45 -23.68 6.33
CA ALA C 147 -23.20 -22.26 6.14
C ALA C 147 -22.38 -21.90 4.89
N ALA C 148 -22.07 -22.84 4.00
CA ALA C 148 -21.21 -22.54 2.86
C ALA C 148 -21.78 -21.43 1.98
N ASN C 149 -23.07 -21.54 1.61
CA ASN C 149 -23.67 -20.55 0.73
C ASN C 149 -23.69 -19.18 1.40
N PHE C 150 -24.04 -19.13 2.68
CA PHE C 150 -24.08 -17.86 3.38
C PHE C 150 -22.71 -17.19 3.35
N CYS C 151 -21.65 -17.95 3.66
CA CYS C 151 -20.31 -17.36 3.68
C CYS C 151 -19.90 -16.89 2.28
N ALA C 152 -20.25 -17.66 1.26
CA ALA C 152 -19.90 -17.22 -0.09
C ALA C 152 -20.67 -15.95 -0.45
N LEU C 153 -21.93 -15.87 -0.02
CA LEU C 153 -22.69 -14.63 -0.25
C LEU C 153 -22.09 -13.47 0.50
N ILE C 154 -21.64 -13.70 1.74
CA ILE C 154 -21.00 -12.61 2.48
C ILE C 154 -19.81 -12.10 1.66
N LEU C 155 -18.95 -13.03 1.20
CA LEU C 155 -17.79 -12.63 0.42
C LEU C 155 -18.22 -11.85 -0.82
N ALA C 156 -19.25 -12.34 -1.52
CA ALA C 156 -19.66 -11.70 -2.76
C ALA C 156 -20.21 -10.30 -2.50
N TYR C 157 -21.11 -10.16 -1.52
CA TYR C 157 -21.68 -8.85 -1.22
C TYR C 157 -20.60 -7.88 -0.80
N CYS C 158 -19.57 -8.35 -0.09
CA CYS C 158 -18.51 -7.49 0.40
C CYS C 158 -17.43 -7.23 -0.63
N ASN C 159 -17.51 -7.86 -1.79
CA ASN C 159 -16.47 -7.76 -2.81
C ASN C 159 -15.10 -8.16 -2.25
N LYS C 160 -15.10 -9.19 -1.41
CA LYS C 160 -13.90 -9.88 -0.97
C LYS C 160 -13.83 -11.26 -1.58
N THR C 161 -12.61 -11.81 -1.65
CA THR C 161 -12.35 -13.15 -2.16
C THR C 161 -11.86 -14.07 -1.04
N VAL C 162 -12.01 -15.38 -1.30
CA VAL C 162 -11.49 -16.40 -0.41
C VAL C 162 -9.99 -16.19 -0.23
N GLY C 163 -9.54 -16.22 1.02
CA GLY C 163 -8.17 -16.07 1.40
C GLY C 163 -7.80 -14.67 1.81
N GLU C 164 -8.61 -13.70 1.44
CA GLU C 164 -8.29 -12.32 1.73
C GLU C 164 -8.56 -11.98 3.21
N LEU C 165 -7.62 -11.24 3.79
CA LEU C 165 -7.71 -10.64 5.12
C LEU C 165 -8.94 -9.74 5.20
N GLY C 166 -9.76 -9.95 6.22
CA GLY C 166 -10.94 -9.15 6.49
C GLY C 166 -11.08 -8.37 7.78
N ASP C 167 -11.93 -7.34 7.76
CA ASP C 167 -12.28 -6.56 8.94
C ASP C 167 -13.74 -6.86 9.27
N VAL C 168 -14.02 -7.20 10.54
CA VAL C 168 -15.39 -7.53 10.95
C VAL C 168 -16.32 -6.32 10.78
N ARG C 169 -15.86 -5.14 11.20
CA ARG C 169 -16.71 -3.95 11.16
C ARG C 169 -17.13 -3.66 9.73
N GLU C 170 -16.18 -3.74 8.80
CA GLU C 170 -16.46 -3.45 7.39
C GLU C 170 -17.48 -4.45 6.87
N THR C 171 -17.29 -5.72 7.23
CA THR C 171 -18.18 -6.79 6.78
C THR C 171 -19.60 -6.51 7.28
N MET C 172 -19.75 -6.16 8.56
CA MET C 172 -21.08 -5.84 9.09
C MET C 172 -21.67 -4.65 8.38
N SER C 173 -20.85 -3.64 8.09
CA SER C 173 -21.35 -2.48 7.36
C SER C 173 -21.99 -2.93 6.05
N TYR C 174 -21.29 -3.76 5.29
CA TYR C 174 -21.80 -4.27 4.02
C TYR C 174 -23.09 -5.07 4.23
N LEU C 175 -23.10 -5.96 5.22
CA LEU C 175 -24.26 -6.82 5.45
C LEU C 175 -25.48 -6.01 5.90
N PHE C 176 -25.26 -5.02 6.76
CA PHE C 176 -26.35 -4.18 7.24
C PHE C 176 -26.98 -3.41 6.10
N GLN C 177 -26.18 -3.01 5.10
CA GLN C 177 -26.82 -2.37 3.95
C GLN C 177 -27.91 -3.25 3.39
N HIS C 178 -27.77 -4.57 3.52
CA HIS C 178 -28.75 -5.49 2.97
C HIS C 178 -29.72 -6.02 4.02
N ALA C 179 -29.84 -5.36 5.16
CA ALA C 179 -30.76 -5.78 6.20
C ALA C 179 -31.87 -4.75 6.37
N ASN C 180 -32.99 -5.19 6.93
CA ASN C 180 -34.10 -4.30 7.23
C ASN C 180 -33.84 -3.68 8.59
N LEU C 181 -33.28 -2.47 8.60
CA LEU C 181 -33.06 -1.70 9.81
C LEU C 181 -33.87 -0.41 9.82
N ASP C 182 -34.97 -0.38 9.06
CA ASP C 182 -35.69 0.88 8.83
C ASP C 182 -36.25 1.46 10.12
N SER C 183 -36.79 0.60 10.99
CA SER C 183 -37.36 1.02 12.26
C SER C 183 -36.31 1.22 13.36
N CYS C 184 -35.05 1.43 12.99
CA CYS C 184 -34.00 1.76 13.94
C CYS C 184 -33.82 3.27 13.98
N LYS C 185 -33.72 3.82 15.19
CA LYS C 185 -33.61 5.25 15.37
C LYS C 185 -32.65 5.54 16.52
N ARG C 186 -31.83 6.55 16.34
CA ARG C 186 -30.89 6.97 17.37
C ARG C 186 -30.97 8.48 17.47
N VAL C 187 -31.09 9.00 18.68
CA VAL C 187 -31.00 10.44 18.91
C VAL C 187 -29.79 10.72 19.78
N LEU C 188 -28.91 11.60 19.30
CA LEU C 188 -27.70 12.02 19.99
C LEU C 188 -27.78 13.52 20.28
N ASN C 189 -27.09 13.95 21.33
CA ASN C 189 -26.88 15.36 21.62
C ASN C 189 -25.39 15.64 21.74
N VAL C 190 -24.94 16.76 21.16
CA VAL C 190 -23.56 17.19 21.30
C VAL C 190 -23.57 18.58 21.93
N VAL C 191 -22.87 18.73 23.05
CA VAL C 191 -22.87 19.94 23.86
C VAL C 191 -21.44 20.48 23.91
N CYS C 192 -21.24 21.69 23.39
CA CYS C 192 -19.98 22.41 23.47
C CYS C 192 -20.16 23.64 24.36
N LYS C 193 -19.25 23.82 25.31
CA LYS C 193 -19.39 24.95 26.23
C LYS C 193 -19.33 26.28 25.47
N THR C 194 -18.67 26.31 24.33
CA THR C 194 -18.65 27.50 23.48
C THR C 194 -19.88 27.57 22.58
N CYS C 195 -20.16 26.49 21.84
CA CYS C 195 -21.07 26.56 20.70
C CYS C 195 -22.52 26.32 21.08
N GLY C 196 -22.78 25.73 22.24
CA GLY C 196 -24.10 25.30 22.65
C GLY C 196 -24.42 23.85 22.29
N GLN C 197 -25.70 23.56 22.11
CA GLN C 197 -26.19 22.19 21.99
C GLN C 197 -26.74 21.95 20.59
N GLN C 198 -26.53 20.75 20.08
CA GLN C 198 -27.10 20.35 18.79
C GLN C 198 -27.56 18.91 18.89
N GLN C 199 -28.85 18.67 18.65
CA GLN C 199 -29.39 17.32 18.60
C GLN C 199 -29.32 16.80 17.16
N THR C 200 -29.03 15.51 17.01
CA THR C 200 -29.06 14.84 15.72
C THR C 200 -29.87 13.55 15.82
N THR C 201 -30.64 13.26 14.77
CA THR C 201 -31.34 11.99 14.65
C THR C 201 -30.73 11.20 13.49
N LEU C 202 -30.46 9.93 13.75
CA LEU C 202 -29.89 9.00 12.79
C LEU C 202 -30.84 7.83 12.59
N LYS C 203 -30.95 7.36 11.36
CA LYS C 203 -31.87 6.29 11.02
C LYS C 203 -31.13 5.18 10.28
N GLY C 204 -31.63 3.96 10.42
CA GLY C 204 -31.09 2.82 9.70
C GLY C 204 -29.73 2.40 10.20
N VAL C 205 -28.79 2.25 9.27
CA VAL C 205 -27.48 1.67 9.62
C VAL C 205 -26.75 2.57 10.61
N GLU C 206 -26.74 3.88 10.36
CA GLU C 206 -26.08 4.80 11.28
C GLU C 206 -26.72 4.78 12.67
N ALA C 207 -27.91 4.21 12.82
CA ALA C 207 -28.54 4.17 14.13
C ALA C 207 -27.98 3.09 15.04
N VAL C 208 -27.33 2.06 14.49
CA VAL C 208 -26.87 0.93 15.29
C VAL C 208 -25.36 0.82 15.43
N MET C 209 -24.59 1.60 14.68
CA MET C 209 -23.13 1.50 14.69
C MET C 209 -22.51 2.78 15.23
N TYR C 210 -21.50 2.65 16.09
CA TYR C 210 -20.70 3.77 16.55
C TYR C 210 -19.25 3.35 16.61
N MET C 211 -18.36 4.21 16.15
CA MET C 211 -16.92 3.96 16.20
C MET C 211 -16.30 4.98 17.15
N GLY C 212 -15.71 4.49 18.24
CA GLY C 212 -14.96 5.36 19.12
C GLY C 212 -14.91 4.92 20.57
N THR C 213 -15.92 4.16 21.00
CA THR C 213 -15.91 3.56 22.32
C THR C 213 -16.52 2.17 22.25
N LEU C 214 -15.98 1.27 23.09
CA LEU C 214 -16.55 -0.06 23.23
C LEU C 214 -17.70 -0.12 24.22
N SER C 215 -17.81 0.85 25.12
CA SER C 215 -18.73 0.80 26.25
C SER C 215 -20.06 1.47 25.88
N TYR C 216 -21.14 0.68 25.87
CA TYR C 216 -22.47 1.25 25.68
C TYR C 216 -22.82 2.17 26.84
N GLU C 217 -22.45 1.79 28.07
CA GLU C 217 -22.70 2.64 29.22
C GLU C 217 -22.00 3.99 29.05
N GLN C 218 -20.75 3.98 28.59
CA GLN C 218 -20.02 5.23 28.40
C GLN C 218 -20.71 6.07 27.35
N PHE C 219 -21.26 5.42 26.32
CA PHE C 219 -21.96 6.12 25.26
C PHE C 219 -23.21 6.77 25.82
N LYS C 220 -23.85 6.14 26.81
CA LYS C 220 -24.99 6.75 27.49
C LYS C 220 -24.56 7.94 28.35
N LYS C 221 -23.37 7.85 28.97
CA LYS C 221 -22.93 8.90 29.91
C LYS C 221 -22.29 10.07 29.20
N GLY C 222 -21.60 9.83 28.08
CA GLY C 222 -20.95 10.85 27.27
C GLY C 222 -19.51 10.56 26.91
N VAL C 223 -19.17 10.82 25.65
CA VAL C 223 -17.82 10.73 25.11
C VAL C 223 -17.37 12.10 24.60
N GLN C 224 -16.09 12.40 24.79
CA GLN C 224 -15.52 13.67 24.36
C GLN C 224 -15.11 13.53 22.90
N ILE C 225 -15.52 14.48 22.07
CA ILE C 225 -15.14 14.49 20.65
C ILE C 225 -14.75 15.90 20.24
N PRO C 226 -13.97 16.04 19.15
CA PRO C 226 -13.64 17.38 18.67
C PRO C 226 -14.89 18.06 18.13
N CYS C 227 -15.04 19.34 18.43
CA CYS C 227 -15.97 20.21 17.72
C CYS C 227 -15.29 20.95 16.58
N THR C 228 -16.11 21.58 15.74
CA THR C 228 -15.62 22.33 14.59
C THR C 228 -14.94 23.65 15.00
N CYS C 229 -15.15 24.11 16.24
CA CYS C 229 -14.49 25.30 16.75
C CYS C 229 -13.12 25.02 17.35
N GLY C 230 -12.82 23.76 17.65
CA GLY C 230 -11.55 23.33 18.21
C GLY C 230 -11.63 22.89 19.66
N LYS C 231 -12.69 23.26 20.37
CA LYS C 231 -12.90 22.77 21.73
C LYS C 231 -13.27 21.29 21.70
N GLN C 232 -13.39 20.70 22.90
CA GLN C 232 -13.86 19.33 23.05
C GLN C 232 -15.31 19.36 23.51
N ALA C 233 -16.21 18.90 22.65
CA ALA C 233 -17.63 18.77 22.98
C ALA C 233 -17.92 17.40 23.57
N THR C 234 -19.08 17.28 24.21
CA THR C 234 -19.54 16.01 24.76
C THR C 234 -20.74 15.51 23.95
N LYS C 235 -20.63 14.29 23.42
CA LYS C 235 -21.68 13.58 22.70
C LYS C 235 -22.26 12.49 23.60
N TYR C 236 -23.58 12.43 23.73
CA TYR C 236 -24.18 11.35 24.51
C TYR C 236 -25.44 10.85 23.82
N LEU C 237 -25.82 9.62 24.17
CA LEU C 237 -27.00 8.97 23.60
C LEU C 237 -28.28 9.47 24.28
N VAL C 238 -29.17 10.06 23.50
CA VAL C 238 -30.45 10.55 24.02
C VAL C 238 -31.52 9.48 23.92
N GLN C 239 -31.64 8.83 22.76
CA GLN C 239 -32.66 7.80 22.59
C GLN C 239 -32.16 6.72 21.65
N GLN C 240 -32.56 5.47 21.92
CA GLN C 240 -32.21 4.35 21.05
C GLN C 240 -33.45 3.48 20.85
N GLU C 241 -33.78 3.19 19.59
CA GLU C 241 -34.82 2.23 19.24
C GLU C 241 -34.18 1.27 18.24
N SER C 242 -33.81 0.09 18.70
CA SER C 242 -33.20 -0.92 17.84
C SER C 242 -33.12 -2.22 18.62
N PRO C 243 -33.00 -3.36 17.94
CA PRO C 243 -32.87 -4.64 18.64
C PRO C 243 -31.46 -4.96 19.09
N PHE C 244 -30.47 -4.19 18.63
CA PHE C 244 -29.08 -4.36 19.07
C PHE C 244 -28.35 -3.04 18.86
N VAL C 245 -27.18 -2.94 19.47
CA VAL C 245 -26.23 -1.90 19.13
C VAL C 245 -24.84 -2.53 18.97
N MET C 246 -24.02 -1.89 18.14
CA MET C 246 -22.64 -2.30 17.91
C MET C 246 -21.74 -1.12 18.27
N MET C 247 -20.89 -1.32 19.27
CA MET C 247 -19.94 -0.30 19.70
C MET C 247 -18.54 -0.73 19.30
N SER C 248 -17.83 0.15 18.60
CA SER C 248 -16.55 -0.20 18.02
C SER C 248 -15.50 0.83 18.41
N ALA C 249 -14.24 0.39 18.39
CA ALA C 249 -13.10 1.23 18.69
C ALA C 249 -11.86 0.53 18.13
N PRO C 250 -10.78 1.26 17.91
CA PRO C 250 -9.50 0.59 17.62
C PRO C 250 -9.19 -0.42 18.70
N PRO C 251 -8.59 -1.57 18.34
CA PRO C 251 -8.42 -2.65 19.32
C PRO C 251 -7.66 -2.14 20.52
N ALA C 252 -8.20 -2.42 21.70
CA ALA C 252 -7.56 -2.03 22.95
C ALA C 252 -7.93 -3.00 24.06
N GLN C 253 -7.04 -3.13 25.04
CA GLN C 253 -7.30 -3.99 26.19
C GLN C 253 -8.57 -3.54 26.89
N TYR C 254 -9.48 -4.49 27.10
CA TYR C 254 -10.82 -4.22 27.61
C TYR C 254 -11.29 -5.43 28.40
N GLU C 255 -11.95 -5.18 29.54
CA GLU C 255 -12.49 -6.23 30.39
C GLU C 255 -13.94 -6.47 30.00
N LEU C 256 -14.25 -7.70 29.61
CA LEU C 256 -15.62 -8.12 29.37
C LEU C 256 -16.19 -8.78 30.61
N LYS C 257 -17.31 -8.27 31.09
CA LYS C 257 -17.96 -8.75 32.30
C LYS C 257 -19.17 -9.59 31.91
N HIS C 258 -19.19 -10.84 32.39
CA HIS C 258 -20.33 -11.74 32.17
C HIS C 258 -21.67 -11.05 32.41
N GLY C 259 -22.59 -11.23 31.47
CA GLY C 259 -23.95 -10.75 31.63
C GLY C 259 -24.19 -9.31 31.23
N THR C 260 -23.17 -8.61 30.77
CA THR C 260 -23.26 -7.19 30.45
C THR C 260 -23.22 -6.92 28.95
N PHE C 261 -23.12 -7.96 28.13
CA PHE C 261 -23.06 -7.81 26.68
C PHE C 261 -23.49 -9.11 26.03
N THR C 262 -23.75 -9.05 24.72
CA THR C 262 -24.17 -10.22 23.96
C THR C 262 -22.95 -10.97 23.47
N CYS C 263 -22.10 -10.29 22.71
CA CYS C 263 -20.91 -10.90 22.12
C CYS C 263 -19.95 -9.78 21.76
N ALA C 264 -18.73 -10.16 21.41
CA ALA C 264 -17.64 -9.21 21.21
C ALA C 264 -16.64 -9.81 20.25
N SER C 265 -15.85 -8.94 19.63
CA SER C 265 -14.79 -9.34 18.74
C SER C 265 -13.43 -8.99 19.34
N GLU C 266 -12.48 -9.92 19.22
CA GLU C 266 -11.13 -9.73 19.71
C GLU C 266 -10.18 -9.73 18.54
N TYR C 267 -9.29 -8.73 18.49
CA TYR C 267 -8.32 -8.63 17.41
C TYR C 267 -6.95 -8.59 18.08
N THR C 268 -6.14 -9.58 17.77
CA THR C 268 -4.77 -9.74 18.24
C THR C 268 -3.84 -9.52 17.07
N GLY C 269 -2.95 -8.54 17.15
CA GLY C 269 -2.11 -8.41 15.99
C GLY C 269 -1.81 -6.97 15.72
N ASN C 270 -1.67 -6.64 14.45
CA ASN C 270 -1.23 -5.34 14.02
C ASN C 270 -2.20 -4.97 12.92
N TYR C 271 -2.48 -3.67 12.78
CA TYR C 271 -3.49 -3.28 11.81
C TYR C 271 -3.24 -3.91 10.45
N GLN C 272 -1.99 -4.29 10.16
CA GLN C 272 -1.68 -4.77 8.82
C GLN C 272 -2.02 -6.25 8.66
N CYS C 273 -2.08 -6.99 9.76
CA CYS C 273 -2.12 -8.45 9.72
C CYS C 273 -2.53 -8.83 11.15
N GLY C 274 -3.51 -9.69 11.33
CA GLY C 274 -3.88 -10.03 12.70
C GLY C 274 -4.99 -11.05 12.70
N HIS C 275 -5.50 -11.35 13.89
CA HIS C 275 -6.37 -12.50 14.04
C HIS C 275 -7.55 -12.15 14.94
N TYR C 276 -8.73 -12.58 14.52
CA TYR C 276 -9.94 -12.41 15.31
C TYR C 276 -10.32 -13.69 16.04
N LYS C 277 -10.84 -13.50 17.25
CA LYS C 277 -11.61 -14.51 17.98
C LYS C 277 -12.94 -13.90 18.36
N HIS C 278 -13.89 -14.76 18.72
CA HIS C 278 -15.24 -14.34 19.11
C HIS C 278 -15.43 -14.64 20.58
N ILE C 279 -15.99 -13.69 21.32
CA ILE C 279 -16.36 -13.94 22.72
C ILE C 279 -17.86 -13.80 22.85
N THR C 280 -18.50 -14.81 23.42
CA THR C 280 -19.93 -14.81 23.65
C THR C 280 -20.21 -14.95 25.14
N SER C 281 -21.18 -14.17 25.60
CA SER C 281 -21.62 -14.17 26.99
C SER C 281 -22.88 -15.03 27.12
N LYS C 282 -22.72 -16.20 27.72
CA LYS C 282 -23.81 -17.15 27.97
C LYS C 282 -23.89 -17.35 29.47
N GLU C 283 -23.90 -18.61 29.93
CA GLU C 283 -23.83 -18.90 31.36
C GLU C 283 -22.49 -18.47 31.94
N THR C 284 -21.46 -18.41 31.09
CA THR C 284 -20.14 -17.89 31.42
C THR C 284 -19.59 -17.29 30.13
N LEU C 285 -18.34 -16.86 30.14
CA LEU C 285 -17.72 -16.33 28.93
C LEU C 285 -17.06 -17.42 28.11
N TYR C 286 -17.49 -17.58 26.86
CA TYR C 286 -16.92 -18.53 25.91
C TYR C 286 -16.12 -17.82 24.83
N CYS C 287 -14.92 -18.32 24.57
CA CYS C 287 -14.02 -17.84 23.53
C CYS C 287 -14.00 -18.88 22.40
N ILE C 288 -14.56 -18.51 21.26
CA ILE C 288 -14.63 -19.35 20.07
C ILE C 288 -13.58 -18.89 19.07
N ASP C 289 -12.70 -19.81 18.69
CA ASP C 289 -11.62 -19.60 17.75
C ASP C 289 -11.82 -20.65 16.66
N GLY C 290 -12.70 -20.35 15.71
CA GLY C 290 -13.08 -21.33 14.71
C GLY C 290 -13.74 -22.53 15.35
N ALA C 291 -13.09 -23.69 15.25
CA ALA C 291 -13.59 -24.91 15.88
C ALA C 291 -13.26 -24.99 17.36
N LEU C 292 -12.37 -24.15 17.85
CA LEU C 292 -11.85 -24.28 19.21
C LEU C 292 -12.74 -23.49 20.17
N LEU C 293 -12.89 -24.03 21.38
CA LEU C 293 -13.72 -23.38 22.39
C LEU C 293 -13.04 -23.45 23.74
N THR C 294 -12.97 -22.30 24.41
CA THR C 294 -12.52 -22.25 25.80
C THR C 294 -13.51 -21.42 26.60
N LYS C 295 -13.42 -21.50 27.94
CA LYS C 295 -14.32 -20.73 28.79
C LYS C 295 -13.57 -20.08 29.95
N SER C 296 -14.16 -19.01 30.46
CA SER C 296 -13.62 -18.32 31.63
C SER C 296 -14.74 -17.49 32.25
N SER C 297 -14.56 -17.21 33.55
CA SER C 297 -15.50 -16.41 34.31
C SER C 297 -15.28 -14.92 34.09
N GLU C 298 -14.03 -14.50 33.91
CA GLU C 298 -13.68 -13.13 33.58
C GLU C 298 -12.97 -13.10 32.24
N TYR C 299 -12.74 -11.88 31.74
CA TYR C 299 -12.07 -11.70 30.47
C TYR C 299 -11.45 -10.32 30.35
N LYS C 300 -10.17 -10.28 29.98
CA LYS C 300 -9.51 -9.04 29.61
C LYS C 300 -8.73 -9.37 28.35
N GLY C 301 -8.88 -8.55 27.31
CA GLY C 301 -8.10 -8.73 26.11
C GLY C 301 -8.27 -7.63 25.10
N PRO C 302 -7.61 -7.74 23.94
CA PRO C 302 -7.72 -6.66 22.93
C PRO C 302 -8.99 -6.65 22.09
N ILE C 303 -10.04 -6.05 22.64
CA ILE C 303 -11.37 -6.04 22.06
C ILE C 303 -11.50 -4.87 21.08
N THR C 304 -12.22 -5.10 19.97
CA THR C 304 -12.43 -4.10 18.92
C THR C 304 -13.91 -3.78 18.67
N ASP C 305 -14.82 -4.71 18.95
CA ASP C 305 -16.24 -4.53 18.68
C ASP C 305 -17.00 -5.28 19.76
N VAL C 306 -18.03 -4.64 20.32
CA VAL C 306 -18.91 -5.28 21.29
C VAL C 306 -20.36 -5.04 20.87
N PHE C 307 -21.15 -6.10 20.94
CA PHE C 307 -22.56 -6.04 20.61
C PHE C 307 -23.41 -6.15 21.87
N TYR C 308 -24.47 -5.34 21.93
CA TYR C 308 -25.34 -5.32 23.09
C TYR C 308 -26.78 -5.49 22.64
N LYS C 309 -27.57 -6.16 23.47
CA LYS C 309 -29.00 -6.25 23.22
C LYS C 309 -29.67 -4.92 23.58
N GLU C 310 -30.70 -4.59 22.82
CA GLU C 310 -31.48 -3.39 23.07
C GLU C 310 -32.91 -3.64 22.64
N ASN C 311 -33.83 -2.85 23.21
CA ASN C 311 -35.22 -2.85 22.80
C ASN C 311 -35.68 -1.41 22.64
N SER C 312 -35.70 -0.69 23.76
CA SER C 312 -36.00 0.73 23.76
C SER C 312 -35.27 1.36 24.94
N TYR C 313 -34.51 2.42 24.66
CA TYR C 313 -33.81 3.19 25.68
C TYR C 313 -34.09 4.66 25.52
N THR C 314 -34.39 5.32 26.64
CA THR C 314 -34.51 6.77 26.71
C THR C 314 -33.67 7.21 27.89
N THR C 315 -32.80 8.19 27.68
CA THR C 315 -31.96 8.68 28.76
C THR C 315 -32.80 9.30 29.87
N THR C 316 -32.26 9.26 31.08
CA THR C 316 -32.80 10.02 32.21
C THR C 316 -32.06 11.33 32.44
N ILE C 317 -31.19 11.72 31.53
CA ILE C 317 -30.49 13.00 31.61
C ILE C 317 -31.39 14.11 31.10
N ASP D 2 -21.20 18.10 -16.52
CA ASP D 2 -20.76 17.82 -15.16
C ASP D 2 -20.16 19.07 -14.51
N GLU D 3 -20.84 19.57 -13.47
CA GLU D 3 -20.40 20.77 -12.75
C GLU D 3 -19.62 20.35 -11.52
N PRO D 4 -18.47 20.97 -11.25
CA PRO D 4 -17.71 20.62 -10.05
C PRO D 4 -18.50 20.84 -8.76
N LEU D 5 -18.18 20.00 -7.77
CA LEU D 5 -18.87 19.92 -6.48
C LEU D 5 -17.84 19.92 -5.35
N SER D 6 -18.24 20.44 -4.20
CA SER D 6 -17.40 20.41 -3.00
C SER D 6 -18.06 19.56 -1.92
N ILE D 7 -17.29 18.61 -1.36
CA ILE D 7 -17.78 17.67 -0.35
C ILE D 7 -16.80 17.63 0.81
N LEU D 8 -17.21 16.96 1.88
CA LEU D 8 -16.40 16.80 3.08
C LEU D 8 -16.05 15.33 3.30
N VAL D 9 -14.84 15.08 3.79
CA VAL D 9 -14.43 13.75 4.25
C VAL D 9 -13.74 13.90 5.60
N ARG D 10 -14.30 13.27 6.62
CA ARG D 10 -13.82 13.36 7.98
C ARG D 10 -13.03 12.12 8.34
N ASN D 11 -11.80 12.33 8.84
CA ASN D 11 -10.90 11.22 9.13
C ASN D 11 -11.21 10.63 10.50
N ASN D 12 -10.44 9.61 10.86
CA ASN D 12 -10.68 8.86 12.09
C ASN D 12 -10.40 9.67 13.35
N LYS D 13 -9.66 10.78 13.23
CA LYS D 13 -9.40 11.67 14.35
C LYS D 13 -10.47 12.75 14.51
N GLY D 14 -11.46 12.77 13.62
CA GLY D 14 -12.58 13.68 13.72
C GLY D 14 -12.46 14.94 12.90
N ARG D 15 -11.33 15.17 12.23
CA ARG D 15 -11.13 16.41 11.48
C ARG D 15 -11.64 16.22 10.06
N SER D 16 -12.59 17.06 9.65
CA SER D 16 -13.14 17.02 8.31
C SER D 16 -12.33 17.92 7.38
N SER D 17 -12.22 17.52 6.11
CA SER D 17 -11.55 18.31 5.09
C SER D 17 -12.42 18.37 3.84
N THR D 18 -12.22 19.41 3.03
CA THR D 18 -13.04 19.66 1.86
C THR D 18 -12.32 19.20 0.60
N TYR D 19 -13.06 18.57 -0.30
CA TYR D 19 -12.51 18.09 -1.56
C TYR D 19 -13.40 18.58 -2.71
N GLU D 20 -12.77 18.88 -3.85
CA GLU D 20 -13.46 19.35 -5.05
C GLU D 20 -13.47 18.22 -6.07
N VAL D 21 -14.64 17.61 -6.26
CA VAL D 21 -14.81 16.43 -7.10
C VAL D 21 -16.00 16.63 -8.02
N ARG D 22 -16.06 15.80 -9.06
CA ARG D 22 -17.19 15.78 -10.00
C ARG D 22 -17.93 14.46 -9.86
N LEU D 23 -19.24 14.50 -10.01
CA LEU D 23 -20.06 13.31 -9.83
C LEU D 23 -19.83 12.26 -10.92
N THR D 24 -18.97 12.52 -11.90
CA THR D 24 -18.65 11.55 -12.93
C THR D 24 -17.43 10.70 -12.61
N GLN D 25 -16.52 11.19 -11.77
CA GLN D 25 -15.33 10.43 -11.42
C GLN D 25 -15.67 9.32 -10.43
N THR D 26 -14.79 8.32 -10.38
CA THR D 26 -15.07 7.15 -9.57
C THR D 26 -14.74 7.40 -8.09
N VAL D 27 -15.32 6.55 -7.24
CA VAL D 27 -14.99 6.59 -5.82
C VAL D 27 -13.50 6.34 -5.62
N ALA D 28 -12.86 5.59 -6.53
CA ALA D 28 -11.41 5.39 -6.46
C ALA D 28 -10.66 6.71 -6.56
N HIS D 29 -11.14 7.63 -7.41
CA HIS D 29 -10.52 8.95 -7.56
C HIS D 29 -10.61 9.74 -6.25
N LEU D 30 -11.80 9.75 -5.62
CA LEU D 30 -11.95 10.42 -4.34
C LEU D 30 -11.09 9.79 -3.27
N LYS D 31 -10.99 8.46 -3.29
CA LYS D 31 -10.20 7.74 -2.29
C LYS D 31 -8.73 8.07 -2.44
N GLN D 32 -8.24 8.21 -3.67
CA GLN D 32 -6.85 8.61 -3.88
C GLN D 32 -6.62 10.05 -3.46
N GLN D 33 -7.60 10.93 -3.68
CA GLN D 33 -7.49 12.30 -3.19
C GLN D 33 -7.39 12.34 -1.66
N VAL D 34 -8.26 11.59 -0.99
CA VAL D 34 -8.21 11.52 0.48
C VAL D 34 -6.89 10.91 0.93
N SER D 35 -6.43 9.89 0.22
CA SER D 35 -5.16 9.27 0.57
C SER D 35 -4.03 10.29 0.52
N GLY D 36 -3.97 11.07 -0.57
CA GLY D 36 -2.93 12.07 -0.69
C GLY D 36 -3.08 13.19 0.32
N LEU D 37 -4.31 13.50 0.72
CA LEU D 37 -4.50 14.62 1.64
C LEU D 37 -4.17 14.23 3.07
N GLU D 38 -4.76 13.14 3.57
CA GLU D 38 -4.57 12.71 4.94
C GLU D 38 -3.25 11.99 5.16
N GLY D 39 -2.55 11.59 4.10
CA GLY D 39 -1.30 10.90 4.26
C GLY D 39 -1.45 9.46 4.72
N VAL D 40 -2.52 8.79 4.30
CA VAL D 40 -2.80 7.40 4.66
C VAL D 40 -2.98 6.62 3.37
N GLN D 41 -2.34 5.46 3.28
CA GLN D 41 -2.44 4.64 2.08
C GLN D 41 -3.88 4.20 1.86
N ASP D 42 -4.30 4.21 0.59
CA ASP D 42 -5.70 3.97 0.26
C ASP D 42 -6.18 2.59 0.69
N ASP D 43 -5.27 1.62 0.83
CA ASP D 43 -5.64 0.28 1.27
C ASP D 43 -6.02 0.22 2.75
N LEU D 44 -5.72 1.26 3.51
CA LEU D 44 -5.91 1.18 4.96
C LEU D 44 -7.25 1.70 5.41
N PHE D 45 -8.10 2.17 4.50
CA PHE D 45 -9.37 2.73 4.93
C PHE D 45 -10.45 2.51 3.87
N TRP D 46 -11.69 2.68 4.32
CA TRP D 46 -12.88 2.60 3.48
C TRP D 46 -13.78 3.77 3.82
N LEU D 47 -14.54 4.21 2.82
CA LEU D 47 -15.34 5.42 2.89
C LEU D 47 -16.80 5.06 2.97
N THR D 48 -17.51 5.70 3.89
CA THR D 48 -18.95 5.51 4.01
C THR D 48 -19.66 6.84 3.87
N PHE D 49 -20.78 6.83 3.15
CA PHE D 49 -21.67 7.99 3.03
C PHE D 49 -22.99 7.61 3.65
N GLU D 50 -23.32 8.26 4.77
CA GLU D 50 -24.53 7.95 5.53
C GLU D 50 -24.55 6.46 5.90
N GLY D 51 -23.40 5.96 6.36
CA GLY D 51 -23.28 4.58 6.78
C GLY D 51 -23.07 3.58 5.67
N LYS D 52 -23.43 3.92 4.43
CA LYS D 52 -23.28 3.01 3.29
C LYS D 52 -21.84 3.03 2.80
N PRO D 53 -21.20 1.88 2.64
CA PRO D 53 -19.83 1.88 2.12
C PRO D 53 -19.81 2.19 0.63
N LEU D 54 -18.81 2.97 0.23
CA LEU D 54 -18.65 3.40 -1.17
C LEU D 54 -17.71 2.45 -1.88
N GLU D 55 -18.18 1.85 -2.97
CA GLU D 55 -17.35 0.94 -3.75
C GLU D 55 -16.48 1.71 -4.73
N ASP D 56 -15.23 1.25 -4.87
CA ASP D 56 -14.23 2.03 -5.60
C ASP D 56 -14.54 2.15 -7.09
N GLN D 57 -15.26 1.17 -7.66
CA GLN D 57 -15.44 1.14 -9.11
C GLN D 57 -16.52 2.08 -9.60
N LEU D 58 -17.51 2.41 -8.76
CA LEU D 58 -18.63 3.22 -9.22
C LEU D 58 -18.30 4.70 -9.22
N PRO D 59 -18.95 5.48 -10.09
CA PRO D 59 -18.82 6.93 -10.01
C PRO D 59 -19.61 7.48 -8.84
N LEU D 60 -19.16 8.64 -8.34
CA LEU D 60 -19.78 9.23 -7.15
C LEU D 60 -21.27 9.49 -7.35
N GLY D 61 -21.69 9.71 -8.61
CA GLY D 61 -23.09 10.00 -8.87
C GLY D 61 -24.00 8.84 -8.51
N GLU D 62 -23.47 7.62 -8.50
CA GLU D 62 -24.27 6.45 -8.15
C GLU D 62 -24.69 6.47 -6.68
N TYR D 63 -24.09 7.34 -5.86
CA TYR D 63 -24.42 7.42 -4.44
C TYR D 63 -25.26 8.63 -4.06
N GLY D 64 -25.51 9.55 -4.98
CA GLY D 64 -26.34 10.70 -4.70
C GLY D 64 -25.75 11.60 -3.62
N LEU D 65 -24.55 12.11 -3.87
CA LEU D 65 -23.89 13.01 -2.94
C LEU D 65 -24.36 14.44 -3.16
N LYS D 66 -24.66 15.12 -2.05
CA LYS D 66 -25.05 16.53 -2.05
C LYS D 66 -23.87 17.40 -1.61
N PRO D 67 -23.93 18.71 -1.87
CA PRO D 67 -22.88 19.61 -1.38
C PRO D 67 -22.80 19.61 0.14
N LEU D 68 -21.57 19.77 0.64
CA LEU D 68 -21.27 19.83 2.08
C LEU D 68 -21.63 18.54 2.80
N SER D 69 -21.82 17.44 2.07
CA SER D 69 -21.99 16.14 2.70
C SER D 69 -20.69 15.69 3.34
N THR D 70 -20.81 15.00 4.47
CA THR D 70 -19.67 14.47 5.21
C THR D 70 -19.57 12.96 4.98
N VAL D 71 -18.52 12.56 4.29
CA VAL D 71 -18.18 11.15 4.11
C VAL D 71 -17.22 10.77 5.22
N PHE D 72 -17.48 9.66 5.87
CA PHE D 72 -16.64 9.20 6.97
C PHE D 72 -15.57 8.27 6.44
N MET D 73 -14.36 8.45 6.95
CA MET D 73 -13.22 7.60 6.64
C MET D 73 -13.00 6.64 7.80
N ASN D 74 -12.95 5.34 7.51
CA ASN D 74 -12.85 4.31 8.53
C ASN D 74 -11.61 3.45 8.27
N LEU D 75 -10.72 3.39 9.24
CA LEU D 75 -9.55 2.53 9.12
C LEU D 75 -9.96 1.06 9.22
N ARG D 76 -9.35 0.21 8.39
CA ARG D 76 -9.71 -1.21 8.31
C ARG D 76 -8.60 -2.10 8.88
N LEU D 77 -8.98 -3.05 9.70
CA LEU D 77 -8.12 -4.12 10.18
C LEU D 77 -8.00 -5.23 9.13
N ARG D 78 -6.90 -5.98 9.20
CA ARG D 78 -6.67 -7.12 8.30
C ARG D 78 -6.54 -8.38 9.16
N GLY D 79 -7.68 -8.86 9.64
CA GLY D 79 -7.72 -10.07 10.43
C GLY D 79 -7.86 -11.29 9.57
C2 AYE D 80 -7.85 -14.70 10.34
C3 AYE D 80 -7.46 -15.96 10.29
C1 AYE D 80 -7.30 -13.67 9.38
N1 AYE D 80 -7.23 -12.38 10.02
N ILE E 8 -1.83 45.20 26.85
CA ILE E 8 -0.47 44.69 26.80
C ILE E 8 0.31 45.33 25.64
N LYS E 9 1.64 45.30 25.74
CA LYS E 9 2.50 45.69 24.62
C LYS E 9 2.80 44.46 23.76
N VAL E 10 2.56 44.60 22.45
CA VAL E 10 3.02 43.62 21.47
C VAL E 10 3.72 44.36 20.34
N PHE E 11 4.34 43.58 19.43
CA PHE E 11 4.91 44.13 18.21
C PHE E 11 4.17 43.55 17.01
N THR E 12 3.91 44.39 16.02
CA THR E 12 3.41 43.96 14.73
C THR E 12 4.52 44.05 13.68
N THR E 13 4.34 43.28 12.60
CA THR E 13 5.34 43.19 11.53
C THR E 13 4.64 42.70 10.27
N VAL E 14 5.29 42.94 9.14
CA VAL E 14 4.97 42.21 7.91
C VAL E 14 6.14 41.35 7.43
N ASP E 15 7.35 41.56 7.94
CA ASP E 15 8.54 40.86 7.46
C ASP E 15 9.29 40.13 8.56
N ASN E 16 8.86 40.25 9.82
CA ASN E 16 9.53 39.64 10.97
C ASN E 16 10.93 40.20 11.19
N ILE E 17 11.21 41.37 10.62
CA ILE E 17 12.48 42.06 10.82
C ILE E 17 12.18 43.45 11.39
N ASN E 18 11.45 44.25 10.63
CA ASN E 18 11.01 45.55 11.08
C ASN E 18 9.84 45.37 12.04
N LEU E 19 10.04 45.73 13.31
CA LEU E 19 9.03 45.57 14.32
C LEU E 19 8.41 46.93 14.64
N HIS E 20 7.12 46.90 14.98
CA HIS E 20 6.34 48.10 15.26
C HIS E 20 5.67 47.94 16.62
N THR E 21 6.07 48.77 17.59
CA THR E 21 5.49 48.68 18.93
C THR E 21 4.01 49.07 18.88
N GLN E 22 3.16 48.24 19.51
CA GLN E 22 1.73 48.51 19.62
C GLN E 22 1.26 48.28 21.06
N VAL E 23 0.32 49.12 21.50
CA VAL E 23 -0.45 48.93 22.72
C VAL E 23 -1.86 48.55 22.32
N VAL E 24 -2.31 47.35 22.72
CA VAL E 24 -3.60 46.83 22.31
C VAL E 24 -4.56 46.83 23.51
N ASP E 25 -5.81 47.17 23.25
CA ASP E 25 -6.87 47.13 24.24
C ASP E 25 -7.37 45.70 24.39
N MET E 26 -7.29 45.17 25.61
CA MET E 26 -7.63 43.78 25.85
C MET E 26 -9.14 43.54 25.78
N SER E 27 -9.95 44.59 25.72
CA SER E 27 -11.40 44.46 25.63
C SER E 27 -11.95 44.42 24.21
N MET E 28 -11.10 44.61 23.19
CA MET E 28 -11.56 44.60 21.81
C MET E 28 -10.80 43.50 21.05
N THR E 29 -11.45 42.95 20.03
CA THR E 29 -10.80 41.91 19.24
C THR E 29 -9.64 42.49 18.45
N TYR E 30 -8.74 41.60 18.04
CA TYR E 30 -7.71 41.96 17.06
C TYR E 30 -8.32 42.50 15.78
N GLY E 31 -9.40 41.88 15.29
CA GLY E 31 -10.00 42.31 14.03
C GLY E 31 -10.44 43.76 14.05
N GLN E 32 -11.06 44.19 15.16
CA GLN E 32 -11.53 45.56 15.30
C GLN E 32 -10.38 46.57 15.28
N GLN E 33 -9.17 46.16 15.64
CA GLN E 33 -8.06 47.07 15.85
C GLN E 33 -7.05 47.08 14.70
N PHE E 34 -6.76 45.93 14.08
CA PHE E 34 -5.69 45.83 13.09
C PHE E 34 -6.11 45.33 11.73
N GLY E 35 -7.32 44.79 11.59
CA GLY E 35 -7.63 44.02 10.41
C GLY E 35 -7.07 42.62 10.63
N PRO E 36 -6.91 41.85 9.55
CA PRO E 36 -6.40 40.49 9.70
C PRO E 36 -5.07 40.44 10.46
N THR E 37 -5.01 39.58 11.46
CA THR E 37 -3.87 39.50 12.39
C THR E 37 -3.52 38.04 12.64
N TYR E 38 -2.23 37.72 12.64
CA TYR E 38 -1.79 36.34 12.80
C TYR E 38 -0.68 36.25 13.83
N LEU E 39 -0.73 35.19 14.65
CA LEU E 39 0.29 34.88 15.65
C LEU E 39 0.90 33.53 15.32
N ASP E 40 2.13 33.54 14.79
CA ASP E 40 2.83 32.31 14.40
C ASP E 40 1.99 31.48 13.42
N GLY E 41 1.31 32.16 12.51
CA GLY E 41 0.50 31.53 11.49
C GLY E 41 -0.97 31.36 11.83
N ALA E 42 -1.34 31.38 13.11
CA ALA E 42 -2.73 31.18 13.49
C ALA E 42 -3.52 32.47 13.31
N ASP E 43 -4.68 32.37 12.66
CA ASP E 43 -5.54 33.53 12.42
C ASP E 43 -6.22 33.93 13.73
N VAL E 44 -5.86 35.09 14.27
CA VAL E 44 -6.44 35.58 15.52
C VAL E 44 -7.35 36.80 15.28
N THR E 45 -7.79 37.02 14.04
CA THR E 45 -8.60 38.21 13.73
C THR E 45 -9.84 38.29 14.62
N LYS E 46 -10.47 37.16 14.87
CA LYS E 46 -11.74 37.11 15.57
C LYS E 46 -11.57 36.80 17.06
N ILE E 47 -10.32 36.74 17.52
CA ILE E 47 -10.00 36.39 18.90
C ILE E 47 -9.75 37.67 19.69
N LYS E 48 -10.14 37.65 20.94
CA LYS E 48 -9.73 38.78 21.74
C LYS E 48 -8.38 38.49 22.38
N PRO E 49 -7.56 39.52 22.57
CA PRO E 49 -6.24 39.32 23.18
C PRO E 49 -6.30 38.56 24.49
N HIS E 50 -5.40 37.60 24.64
CA HIS E 50 -5.15 36.88 25.87
C HIS E 50 -3.97 37.53 26.57
N ASN E 51 -3.95 37.47 27.90
CA ASN E 51 -2.78 37.94 28.64
C ASN E 51 -1.50 37.31 28.10
N SER E 52 -1.55 36.00 27.79
CA SER E 52 -0.37 35.28 27.33
C SER E 52 0.11 35.76 25.97
N HIS E 53 -0.68 36.53 25.24
CA HIS E 53 -0.31 37.04 23.93
C HIS E 53 0.67 38.20 24.05
N LYS E 56 4.49 39.19 22.26
CA LYS E 56 4.54 38.35 21.06
C LYS E 56 4.54 39.19 19.79
N THR E 57 5.03 38.62 18.69
CA THR E 57 5.04 39.28 17.39
C THR E 57 3.85 38.80 16.57
N PHE E 58 3.11 39.75 16.00
CA PHE E 58 1.97 39.47 15.15
C PHE E 58 2.17 40.01 13.74
N TYR E 59 1.82 39.19 12.76
CA TYR E 59 1.73 39.65 11.38
C TYR E 59 0.40 40.36 11.14
N VAL E 60 0.44 41.45 10.38
CA VAL E 60 -0.76 42.16 9.98
C VAL E 60 -0.71 42.34 8.46
N LEU E 61 -1.85 42.77 7.88
CA LEU E 61 -1.76 43.04 6.46
C LEU E 61 -1.15 44.42 6.21
N PRO E 62 -0.54 44.63 5.03
CA PRO E 62 0.11 45.92 4.75
C PRO E 62 -0.89 47.05 4.55
N ASN E 63 -1.23 47.75 5.63
CA ASN E 63 -2.39 48.63 5.68
C ASN E 63 -2.02 50.11 5.81
N ASP E 64 -0.73 50.44 5.74
CA ASP E 64 -0.25 51.82 5.66
C ASP E 64 1.03 51.82 4.85
N ASP E 65 1.53 53.02 4.53
CA ASP E 65 2.67 53.11 3.61
C ASP E 65 3.92 52.43 4.17
N THR E 66 4.20 52.58 5.46
CA THR E 66 5.39 51.98 6.05
C THR E 66 5.36 50.46 5.90
N LEU E 67 4.21 49.85 6.23
CA LEU E 67 4.10 48.40 6.13
C LEU E 67 4.10 47.95 4.68
N ARG E 68 3.46 48.73 3.80
CA ARG E 68 3.44 48.39 2.38
C ARG E 68 4.86 48.33 1.83
N VAL E 69 5.68 49.33 2.15
CA VAL E 69 7.06 49.34 1.68
C VAL E 69 7.85 48.19 2.28
N GLU E 70 7.71 47.95 3.59
CA GLU E 70 8.46 46.86 4.22
C GLU E 70 8.09 45.53 3.57
N ALA E 71 6.80 45.34 3.31
CA ALA E 71 6.32 44.08 2.73
C ALA E 71 6.85 43.96 1.32
N PHE E 72 6.84 45.05 0.56
CA PHE E 72 7.34 45.00 -0.80
C PHE E 72 8.83 44.68 -0.78
N GLU E 73 9.58 45.31 0.12
CA GLU E 73 11.03 45.11 0.15
C GLU E 73 11.36 43.67 0.48
N TYR E 74 10.53 43.03 1.30
CA TYR E 74 10.82 41.66 1.74
C TYR E 74 10.33 40.63 0.74
N TYR E 75 9.12 40.80 0.21
CA TYR E 75 8.45 39.79 -0.62
C TYR E 75 8.47 40.12 -2.11
N HIS E 76 8.71 41.38 -2.49
CA HIS E 76 8.68 41.82 -3.89
C HIS E 76 7.30 41.59 -4.51
N THR E 77 6.27 41.83 -3.71
CA THR E 77 4.89 41.82 -4.16
C THR E 77 4.14 42.92 -3.44
N THR E 78 3.11 43.47 -4.09
CA THR E 78 2.18 44.36 -3.42
C THR E 78 0.75 43.84 -3.45
N ASP E 79 0.57 42.55 -3.67
CA ASP E 79 -0.75 41.94 -3.58
C ASP E 79 -1.23 42.08 -2.13
N PRO E 80 -2.35 42.78 -1.87
CA PRO E 80 -2.76 42.99 -0.48
C PRO E 80 -2.99 41.69 0.29
N SER E 81 -3.43 40.63 -0.38
CA SER E 81 -3.77 39.37 0.27
C SER E 81 -2.59 38.42 0.42
N PHE E 82 -1.40 38.79 -0.06
CA PHE E 82 -0.26 37.87 -0.07
C PHE E 82 0.08 37.39 1.33
N LEU E 83 0.13 38.31 2.30
CA LEU E 83 0.48 37.93 3.66
C LEU E 83 -0.57 37.00 4.26
N GLY E 84 -1.86 37.27 4.02
CA GLY E 84 -2.88 36.39 4.57
C GLY E 84 -2.81 34.99 3.98
N ARG E 85 -2.52 34.91 2.67
CA ARG E 85 -2.40 33.60 2.02
C ARG E 85 -1.16 32.87 2.53
N TYR E 86 -0.06 33.60 2.71
CA TYR E 86 1.16 33.05 3.24
C TYR E 86 0.93 32.50 4.65
N MET E 87 0.32 33.30 5.52
CA MET E 87 0.04 32.87 6.89
C MET E 87 -0.89 31.66 6.92
N SER E 88 -1.89 31.64 6.04
CA SER E 88 -2.79 30.49 5.96
C SER E 88 -2.03 29.24 5.57
N ALA E 89 -1.13 29.34 4.59
CA ALA E 89 -0.29 28.20 4.24
C ALA E 89 0.60 27.80 5.41
N LEU E 90 1.26 28.78 6.03
CA LEU E 90 2.22 28.51 7.09
C LEU E 90 1.56 27.79 8.26
N ASN E 91 0.28 28.11 8.56
CA ASN E 91 -0.39 27.48 9.69
C ASN E 91 -0.45 25.98 9.56
N HIS E 92 -0.49 25.48 8.33
CA HIS E 92 -0.44 24.05 8.05
C HIS E 92 0.99 23.56 7.92
N THR E 93 1.83 24.26 7.14
CA THR E 93 3.16 23.72 6.85
C THR E 93 4.01 23.66 8.11
N LYS E 94 3.73 24.49 9.11
CA LYS E 94 4.49 24.42 10.35
C LYS E 94 4.25 23.10 11.06
N LYS E 95 3.18 22.38 10.69
CA LYS E 95 2.84 21.11 11.32
C LYS E 95 3.36 19.90 10.52
N TRP E 96 3.87 20.12 9.31
CA TRP E 96 4.50 19.09 8.50
C TRP E 96 5.85 18.67 9.09
N LYS E 97 6.31 17.48 8.72
CA LYS E 97 7.65 17.06 9.07
C LYS E 97 8.59 17.15 7.86
N TYR E 98 9.84 17.50 8.14
CA TYR E 98 10.86 17.80 7.14
C TYR E 98 12.11 16.96 7.39
N PRO E 99 12.04 15.67 7.09
CA PRO E 99 13.19 14.78 7.35
C PRO E 99 14.36 15.06 6.41
N GLN E 100 15.56 14.84 6.93
CA GLN E 100 16.75 14.83 6.09
C GLN E 100 16.79 13.49 5.38
N VAL E 101 16.73 13.52 4.06
CA VAL E 101 16.80 12.31 3.26
C VAL E 101 17.97 12.43 2.31
N ASN E 102 18.94 11.53 2.47
CA ASN E 102 20.14 11.54 1.65
C ASN E 102 20.76 12.95 1.59
N GLY E 103 20.75 13.64 2.73
CA GLY E 103 21.43 14.92 2.85
C GLY E 103 20.64 16.12 2.36
N LEU E 104 19.40 15.89 1.90
CA LEU E 104 18.48 16.90 1.41
C LEU E 104 17.29 17.03 2.35
N THR E 105 16.75 18.22 2.47
CA THR E 105 15.48 18.40 3.17
C THR E 105 14.31 17.91 2.32
N SER E 106 13.55 16.92 2.81
CA SER E 106 12.33 16.50 2.15
C SER E 106 11.10 16.89 2.98
N ILE E 107 9.94 16.37 2.60
CA ILE E 107 8.68 16.58 3.32
C ILE E 107 7.96 15.26 3.47
N LYS E 108 7.64 14.88 4.70
CA LYS E 108 6.77 13.73 4.94
C LYS E 108 5.42 13.97 4.27
N TRP E 109 4.87 12.92 3.65
CA TRP E 109 3.63 13.06 2.90
C TRP E 109 2.49 13.57 3.78
N ALA E 110 1.85 14.66 3.33
CA ALA E 110 0.64 15.25 3.88
C ALA E 110 0.04 16.18 2.83
N ASP E 111 -1.28 16.31 2.81
CA ASP E 111 -1.95 17.42 2.13
C ASP E 111 -1.51 17.52 0.66
N ASN E 112 -1.34 16.37 0.01
CA ASN E 112 -1.05 16.34 -1.43
C ASN E 112 0.21 17.14 -1.74
N ASN E 113 1.23 17.03 -0.88
CA ASN E 113 2.39 17.90 -1.00
C ASN E 113 3.54 17.27 -1.75
N CYS E 114 3.31 16.16 -2.45
CA CYS E 114 4.42 15.50 -3.15
C CYS E 114 5.05 16.42 -4.19
N TYR E 115 4.23 17.20 -4.90
CA TYR E 115 4.80 18.14 -5.88
C TYR E 115 5.70 19.17 -5.20
N LEU E 116 5.34 19.60 -3.99
CA LEU E 116 6.19 20.58 -3.32
C LEU E 116 7.47 19.92 -2.83
N ALA E 117 7.37 18.68 -2.34
CA ALA E 117 8.57 17.98 -1.89
C ALA E 117 9.56 17.82 -3.05
N THR E 118 9.06 17.43 -4.22
CA THR E 118 9.95 17.32 -5.37
C THR E 118 10.55 18.67 -5.75
N ALA E 119 9.73 19.73 -5.75
CA ALA E 119 10.25 21.07 -6.04
C ALA E 119 11.37 21.43 -5.08
N LEU E 120 11.15 21.21 -3.78
CA LEU E 120 12.14 21.56 -2.75
C LEU E 120 13.44 20.78 -2.96
N LEU E 121 13.32 19.47 -3.19
CA LEU E 121 14.50 18.67 -3.41
C LEU E 121 15.27 19.20 -4.62
N THR E 122 14.53 19.53 -5.70
CA THR E 122 15.18 20.05 -6.90
C THR E 122 15.93 21.34 -6.61
N LEU E 123 15.26 22.27 -5.90
CA LEU E 123 15.84 23.59 -5.66
C LEU E 123 17.15 23.44 -4.91
N GLN E 124 17.22 22.45 -4.01
CA GLN E 124 18.43 22.28 -3.22
C GLN E 124 19.59 21.71 -4.03
N GLN E 125 19.40 21.36 -5.30
CA GLN E 125 20.44 20.75 -6.12
C GLN E 125 20.85 21.55 -7.34
N ILE E 126 20.26 22.72 -7.57
CA ILE E 126 20.64 23.54 -8.71
C ILE E 126 21.03 24.92 -8.21
N GLU E 127 21.92 25.57 -8.96
CA GLU E 127 22.42 26.90 -8.61
C GLU E 127 21.39 27.94 -9.02
N LEU E 128 20.77 28.57 -8.03
CA LEU E 128 19.69 29.53 -8.21
C LEU E 128 19.70 30.51 -7.06
N LYS E 129 19.64 31.80 -7.39
CA LYS E 129 19.63 32.86 -6.40
C LYS E 129 18.30 33.60 -6.50
N PHE E 130 17.53 33.54 -5.42
CA PHE E 130 16.26 34.25 -5.33
C PHE E 130 16.48 35.74 -5.11
N ASN E 131 15.55 36.53 -5.59
CA ASN E 131 15.61 37.97 -5.46
C ASN E 131 14.92 38.41 -4.17
N PRO E 132 13.69 37.99 -3.89
CA PRO E 132 13.05 38.43 -2.65
C PRO E 132 13.81 37.93 -1.43
N PRO E 133 14.11 38.81 -0.48
CA PRO E 133 14.73 38.38 0.79
C PRO E 133 13.96 37.25 1.44
N ALA E 134 12.63 37.27 1.33
CA ALA E 134 11.80 36.23 1.93
C ALA E 134 12.25 34.86 1.45
N LEU E 135 12.47 34.72 0.13
CA LEU E 135 12.86 33.41 -0.39
C LEU E 135 14.28 33.05 0.02
N GLN E 136 15.24 33.98 -0.04
CA GLN E 136 16.59 33.66 0.44
C GLN E 136 16.56 33.11 1.85
N ASP E 137 15.90 33.85 2.75
CA ASP E 137 15.92 33.49 4.16
C ASP E 137 15.24 32.15 4.34
N ALA E 138 14.08 31.97 3.70
CA ALA E 138 13.32 30.76 3.91
C ALA E 138 14.07 29.58 3.31
N TYR E 139 14.77 29.79 2.19
CA TYR E 139 15.52 28.69 1.57
C TYR E 139 16.69 28.27 2.45
N TYR E 140 17.40 29.22 3.04
CA TYR E 140 18.47 28.89 3.97
C TYR E 140 17.93 28.09 5.15
N ARG E 141 16.80 28.54 5.71
CA ARG E 141 16.23 27.82 6.85
C ARG E 141 15.79 26.43 6.41
N ALA E 142 15.21 26.32 5.22
CA ALA E 142 14.76 25.03 4.72
C ALA E 142 15.93 24.09 4.54
N ARG E 143 17.04 24.61 4.01
CA ARG E 143 18.24 23.79 3.87
C ARG E 143 18.78 23.37 5.22
N ALA E 144 18.56 24.19 6.25
CA ALA E 144 18.89 23.78 7.60
C ALA E 144 17.92 22.76 8.17
N GLY E 145 16.79 22.53 7.51
CA GLY E 145 15.83 21.50 7.91
C GLY E 145 14.52 22.05 8.42
N GLU E 146 14.36 23.38 8.48
CA GLU E 146 13.15 24.04 8.96
C GLU E 146 12.48 24.65 7.75
N ALA E 147 11.76 23.82 6.98
CA ALA E 147 11.32 24.25 5.66
C ALA E 147 9.88 24.77 5.63
N ALA E 148 9.23 24.93 6.79
CA ALA E 148 7.84 25.34 6.83
C ALA E 148 7.63 26.69 6.13
N ASN E 149 8.48 27.67 6.48
CA ASN E 149 8.32 29.01 5.91
C ASN E 149 8.55 28.99 4.40
N PHE E 150 9.56 28.27 3.94
CA PHE E 150 9.85 28.20 2.51
C PHE E 150 8.65 27.64 1.75
N CYS E 151 8.09 26.53 2.25
CA CYS E 151 6.97 25.89 1.58
C CYS E 151 5.75 26.82 1.58
N ALA E 152 5.52 27.52 2.69
CA ALA E 152 4.38 28.43 2.72
C ALA E 152 4.57 29.57 1.73
N LEU E 153 5.81 30.06 1.60
CA LEU E 153 6.07 31.09 0.59
C LEU E 153 5.87 30.54 -0.82
N ILE E 154 6.30 29.32 -1.08
CA ILE E 154 6.07 28.74 -2.40
C ILE E 154 4.58 28.73 -2.71
N LEU E 155 3.79 28.24 -1.76
CA LEU E 155 2.34 28.19 -1.95
C LEU E 155 1.81 29.59 -2.25
N ALA E 156 2.24 30.58 -1.47
CA ALA E 156 1.72 31.93 -1.65
C ALA E 156 2.12 32.50 -3.01
N TYR E 157 3.40 32.39 -3.36
CA TYR E 157 3.88 32.92 -4.64
C TYR E 157 3.18 32.25 -5.81
N CYS E 158 2.86 30.96 -5.69
CA CYS E 158 2.25 30.22 -6.78
C CYS E 158 0.72 30.38 -6.80
N ASN E 159 0.17 31.07 -5.79
CA ASN E 159 -1.27 31.27 -5.65
C ASN E 159 -2.00 29.92 -5.62
N LYS E 160 -1.40 28.95 -4.93
CA LYS E 160 -2.00 27.67 -4.57
C LYS E 160 -2.23 27.63 -3.07
N THR E 161 -3.11 26.74 -2.63
CA THR E 161 -3.42 26.54 -1.22
C THR E 161 -2.93 25.19 -0.72
N VAL E 162 -2.76 25.10 0.60
CA VAL E 162 -2.44 23.83 1.24
C VAL E 162 -3.50 22.81 0.88
N GLY E 163 -3.06 21.64 0.46
CA GLY E 163 -3.93 20.54 0.12
C GLY E 163 -4.21 20.43 -1.36
N GLU E 164 -3.96 21.49 -2.13
CA GLU E 164 -4.28 21.47 -3.54
C GLU E 164 -3.29 20.64 -4.35
N LEU E 165 -3.82 19.87 -5.29
CA LEU E 165 -3.02 19.14 -6.28
C LEU E 165 -2.15 20.12 -7.06
N GLY E 166 -0.84 19.84 -7.12
CA GLY E 166 0.12 20.64 -7.86
C GLY E 166 0.91 20.05 -9.01
N ASP E 167 1.37 20.93 -9.90
CA ASP E 167 2.23 20.60 -11.03
C ASP E 167 3.61 21.18 -10.75
N VAL E 168 4.66 20.35 -10.87
CA VAL E 168 6.03 20.80 -10.62
C VAL E 168 6.47 21.88 -11.61
N ARG E 169 6.17 21.69 -12.90
CA ARG E 169 6.61 22.61 -13.93
C ARG E 169 6.04 24.00 -13.69
N GLU E 170 4.75 24.08 -13.35
CA GLU E 170 4.10 25.35 -13.10
C GLU E 170 4.76 26.03 -11.91
N THR E 171 5.02 25.25 -10.86
CA THR E 171 5.64 25.78 -9.65
C THR E 171 7.01 26.37 -9.96
N MET E 172 7.83 25.63 -10.73
CA MET E 172 9.15 26.15 -11.10
C MET E 172 9.01 27.41 -11.95
N SER E 173 8.02 27.46 -12.84
CA SER E 173 7.81 28.66 -13.62
C SER E 173 7.61 29.87 -12.71
N TYR E 174 6.72 29.72 -11.72
CA TYR E 174 6.45 30.81 -10.78
C TYR E 174 7.72 31.20 -10.02
N LEU E 175 8.45 30.20 -9.52
CA LEU E 175 9.64 30.47 -8.71
C LEU E 175 10.73 31.14 -9.54
N PHE E 176 10.90 30.71 -10.79
CA PHE E 176 11.90 31.33 -11.66
C PHE E 176 11.58 32.80 -11.91
N GLN E 177 10.29 33.16 -12.01
CA GLN E 177 9.97 34.59 -12.13
C GLN E 177 10.57 35.39 -10.97
N HIS E 178 10.74 34.76 -9.80
CA HIS E 178 11.25 35.43 -8.61
C HIS E 178 12.73 35.12 -8.38
N ALA E 179 13.44 34.64 -9.40
CA ALA E 179 14.86 34.34 -9.30
C ALA E 179 15.66 35.28 -10.19
N ASN E 180 16.95 35.42 -9.89
CA ASN E 180 17.85 36.23 -10.73
C ASN E 180 18.36 35.33 -11.85
N LEU E 181 17.69 35.39 -13.00
CA LEU E 181 18.10 34.68 -14.19
C LEU E 181 18.48 35.63 -15.32
N ASP E 182 18.86 36.87 -14.99
CA ASP E 182 19.02 37.89 -16.02
C ASP E 182 20.14 37.53 -16.98
N SER E 183 21.24 36.98 -16.44
CA SER E 183 22.40 36.58 -17.24
C SER E 183 22.25 35.19 -17.86
N CYS E 184 21.03 34.68 -18.02
CA CYS E 184 20.79 33.43 -18.72
C CYS E 184 20.41 33.70 -20.16
N LYS E 185 21.01 32.95 -21.08
CA LYS E 185 20.79 33.16 -22.50
C LYS E 185 20.77 31.82 -23.22
N ARG E 186 19.86 31.69 -24.18
CA ARG E 186 19.75 30.48 -24.99
C ARG E 186 19.61 30.96 -26.43
N VAL E 187 20.40 30.39 -27.33
CA VAL E 187 20.24 30.63 -28.76
C VAL E 187 19.89 29.33 -29.45
N LEU E 188 18.77 29.34 -30.19
CA LEU E 188 18.30 28.20 -30.97
C LEU E 188 18.30 28.55 -32.46
N ASN E 189 18.44 27.54 -33.31
CA ASN E 189 18.25 27.68 -34.74
C ASN E 189 17.22 26.67 -35.23
N VAL E 190 16.33 27.10 -36.11
CA VAL E 190 15.33 26.24 -36.72
C VAL E 190 15.53 26.24 -38.22
N VAL E 191 15.73 25.06 -38.79
CA VAL E 191 16.06 24.89 -40.21
C VAL E 191 14.96 24.08 -40.87
N CYS E 192 14.31 24.70 -41.87
CA CYS E 192 13.30 24.05 -42.70
C CYS E 192 13.82 23.92 -44.12
N LYS E 193 13.71 22.72 -44.69
CA LYS E 193 14.21 22.50 -46.04
C LYS E 193 13.47 23.37 -47.05
N THR E 194 12.22 23.75 -46.73
CA THR E 194 11.48 24.67 -47.59
C THR E 194 11.85 26.12 -47.28
N CYS E 195 11.77 26.52 -46.00
CA CYS E 195 11.73 27.93 -45.63
C CYS E 195 13.11 28.54 -45.43
N GLY E 196 14.13 27.70 -45.25
CA GLY E 196 15.45 28.17 -44.86
C GLY E 196 15.63 28.18 -43.36
N GLN E 197 16.50 29.05 -42.86
CA GLN E 197 16.94 29.01 -41.48
C GLN E 197 16.45 30.25 -40.74
N GLN E 198 16.10 30.08 -39.47
CA GLN E 198 15.73 31.21 -38.62
C GLN E 198 16.31 30.96 -37.24
N GLN E 199 17.16 31.87 -36.78
CA GLN E 199 17.70 31.83 -35.42
C GLN E 199 16.80 32.63 -34.48
N THR E 200 16.67 32.16 -33.24
CA THR E 200 15.96 32.88 -32.20
C THR E 200 16.83 32.93 -30.94
N THR E 201 16.80 34.08 -30.24
CA THR E 201 17.46 34.22 -28.95
C THR E 201 16.43 34.40 -27.83
N LEU E 202 16.60 33.65 -26.74
CA LEU E 202 15.75 33.71 -25.56
C LEU E 202 16.60 34.08 -24.34
N LYS E 203 16.01 34.86 -23.43
CA LYS E 203 16.72 35.34 -22.25
C LYS E 203 15.93 35.01 -21.00
N GLY E 204 16.65 34.84 -19.89
CA GLY E 204 16.00 34.64 -18.61
C GLY E 204 15.33 33.28 -18.51
N VAL E 205 14.06 33.28 -18.11
CA VAL E 205 13.35 32.03 -17.81
C VAL E 205 13.24 31.18 -19.07
N GLU E 206 12.87 31.81 -20.19
CA GLU E 206 12.75 31.07 -21.44
C GLU E 206 14.07 30.44 -21.87
N ALA E 207 15.19 30.89 -21.30
CA ALA E 207 16.48 30.32 -21.62
C ALA E 207 16.76 29.02 -20.89
N VAL E 208 16.06 28.74 -19.79
CA VAL E 208 16.36 27.56 -18.98
C VAL E 208 15.28 26.50 -19.03
N MET E 209 14.12 26.80 -19.61
CA MET E 209 13.01 25.85 -19.62
C MET E 209 12.69 25.46 -21.06
N TYR E 210 12.46 24.18 -21.27
CA TYR E 210 11.97 23.69 -22.55
C TYR E 210 10.93 22.60 -22.29
N MET E 211 9.82 22.63 -23.01
CA MET E 211 8.79 21.62 -22.92
C MET E 211 8.71 20.85 -24.22
N GLY E 212 9.00 19.55 -24.18
CA GLY E 212 8.80 18.70 -25.34
C GLY E 212 9.71 17.48 -25.43
N THR E 213 10.89 17.54 -24.83
CA THR E 213 11.77 16.39 -24.72
C THR E 213 12.47 16.43 -23.36
N LEU E 214 12.71 15.23 -22.82
CA LEU E 214 13.48 15.07 -21.59
C LEU E 214 14.99 15.03 -21.83
N SER E 215 15.43 14.74 -23.05
CA SER E 215 16.84 14.48 -23.32
C SER E 215 17.53 15.77 -23.73
N TYR E 216 18.49 16.19 -22.92
CA TYR E 216 19.34 17.32 -23.27
C TYR E 216 20.18 17.01 -24.52
N GLU E 217 20.71 15.79 -24.61
CA GLU E 217 21.49 15.39 -25.78
C GLU E 217 20.66 15.50 -27.06
N GLN E 218 19.41 15.04 -27.01
CA GLN E 218 18.55 15.09 -28.19
C GLN E 218 18.28 16.55 -28.56
N PHE E 219 18.14 17.41 -27.54
CA PHE E 219 17.90 18.83 -27.78
C PHE E 219 19.11 19.47 -28.46
N LYS E 220 20.32 18.98 -28.13
CA LYS E 220 21.52 19.46 -28.81
C LYS E 220 21.56 18.96 -30.26
N LYS E 221 21.08 17.74 -30.50
CA LYS E 221 21.19 17.15 -31.83
C LYS E 221 20.05 17.62 -32.73
N GLY E 222 18.87 17.86 -32.17
CA GLY E 222 17.71 18.32 -32.91
C GLY E 222 16.43 17.54 -32.67
N VAL E 223 15.33 18.28 -32.51
CA VAL E 223 13.97 17.74 -32.41
C VAL E 223 13.12 18.26 -33.56
N GLN E 224 12.23 17.42 -34.06
CA GLN E 224 11.38 17.79 -35.19
C GLN E 224 10.16 18.54 -34.64
N ILE E 225 9.88 19.69 -35.22
CA ILE E 225 8.71 20.50 -34.84
C ILE E 225 8.02 21.02 -36.10
N PRO E 226 6.74 21.38 -36.01
CA PRO E 226 6.08 21.98 -37.18
C PRO E 226 6.66 23.35 -37.50
N CYS E 227 6.85 23.59 -38.79
CA CYS E 227 7.05 24.94 -39.31
C CYS E 227 5.74 25.56 -39.77
N THR E 228 5.82 26.86 -40.10
CA THR E 228 4.65 27.59 -40.56
C THR E 228 4.22 27.18 -41.97
N CYS E 229 5.07 26.48 -42.72
CA CYS E 229 4.68 25.99 -44.03
C CYS E 229 4.00 24.63 -43.98
N GLY E 230 4.13 23.90 -42.87
CA GLY E 230 3.51 22.60 -42.69
C GLY E 230 4.49 21.45 -42.68
N LYS E 231 5.70 21.65 -43.20
CA LYS E 231 6.74 20.64 -43.14
C LYS E 231 7.24 20.48 -41.70
N GLN E 232 8.14 19.52 -41.51
CA GLN E 232 8.78 19.28 -40.22
C GLN E 232 10.18 19.89 -40.25
N ALA E 233 10.39 20.93 -39.45
CA ALA E 233 11.68 21.57 -39.27
C ALA E 233 12.44 20.91 -38.13
N THR E 234 13.75 21.18 -38.07
CA THR E 234 14.61 20.69 -37.00
C THR E 234 15.04 21.87 -36.14
N LYS E 235 14.77 21.78 -34.83
CA LYS E 235 15.19 22.74 -33.84
C LYS E 235 16.36 22.16 -33.05
N TYR E 236 17.45 22.92 -32.92
CA TYR E 236 18.57 22.47 -32.12
C TYR E 236 19.16 23.63 -31.32
N LEU E 237 19.88 23.26 -30.27
CA LEU E 237 20.51 24.24 -29.38
C LEU E 237 21.81 24.76 -29.98
N VAL E 238 21.87 26.07 -30.19
CA VAL E 238 23.07 26.72 -30.73
C VAL E 238 23.99 27.16 -29.60
N GLN E 239 23.45 27.83 -28.58
CA GLN E 239 24.27 28.32 -27.48
C GLN E 239 23.47 28.28 -26.19
N GLN E 240 24.15 27.97 -25.08
CA GLN E 240 23.52 28.02 -23.77
C GLN E 240 24.48 28.67 -22.76
N GLU E 241 23.98 29.67 -22.04
CA GLU E 241 24.71 30.29 -20.94
C GLU E 241 23.74 30.29 -19.76
N SER E 242 23.91 29.36 -18.83
CA SER E 242 23.07 29.27 -17.65
C SER E 242 23.69 28.24 -16.70
N PRO E 243 23.34 28.29 -15.41
CA PRO E 243 23.88 27.28 -14.46
C PRO E 243 23.11 25.97 -14.43
N PHE E 244 21.94 25.90 -15.05
CA PHE E 244 21.19 24.65 -15.14
C PHE E 244 20.27 24.74 -16.35
N VAL E 245 19.73 23.59 -16.77
CA VAL E 245 18.61 23.58 -17.69
C VAL E 245 17.56 22.60 -17.20
N MET E 246 16.31 22.86 -17.58
CA MET E 246 15.17 22.01 -17.25
C MET E 246 14.49 21.54 -18.53
N MET E 247 14.48 20.23 -18.75
CA MET E 247 13.84 19.61 -19.90
C MET E 247 12.58 18.90 -19.42
N SER E 248 11.46 19.19 -20.03
CA SER E 248 10.18 18.68 -19.58
C SER E 248 9.44 18.04 -20.77
N ALA E 249 8.54 17.12 -20.45
CA ALA E 249 7.70 16.47 -21.45
C ALA E 249 6.53 15.82 -20.73
N PRO E 250 5.43 15.55 -21.43
CA PRO E 250 4.39 14.72 -20.85
C PRO E 250 4.95 13.41 -20.35
N PRO E 251 4.45 12.89 -19.22
CA PRO E 251 5.08 11.72 -18.61
C PRO E 251 5.15 10.57 -19.60
N ALA E 252 6.34 9.98 -19.70
CA ALA E 252 6.61 8.83 -20.55
C ALA E 252 7.74 8.03 -19.94
N GLN E 253 7.73 6.73 -20.21
CA GLN E 253 8.79 5.84 -19.75
C GLN E 253 10.13 6.34 -20.31
N TYR E 254 11.10 6.50 -19.43
CA TYR E 254 12.37 7.12 -19.76
C TYR E 254 13.41 6.50 -18.85
N GLU E 255 14.59 6.22 -19.42
CA GLU E 255 15.71 5.64 -18.67
C GLU E 255 16.64 6.75 -18.19
N LEU E 256 16.82 6.82 -16.87
CA LEU E 256 17.79 7.69 -16.24
C LEU E 256 19.06 6.90 -15.97
N LYS E 257 20.18 7.39 -16.50
CA LYS E 257 21.50 6.80 -16.41
C LYS E 257 22.32 7.59 -15.39
N HIS E 258 22.85 6.91 -14.38
CA HIS E 258 23.75 7.53 -13.40
C HIS E 258 24.80 8.42 -14.05
N GLY E 259 24.96 9.62 -13.52
CA GLY E 259 26.03 10.52 -13.92
C GLY E 259 25.75 11.38 -15.13
N THR E 260 24.57 11.27 -15.73
CA THR E 260 24.23 11.98 -16.95
C THR E 260 23.22 13.10 -16.73
N PHE E 261 22.78 13.29 -15.48
CA PHE E 261 21.81 14.33 -15.15
C PHE E 261 21.93 14.61 -13.66
N THR E 262 21.32 15.71 -13.24
CA THR E 262 21.36 16.10 -11.84
C THR E 262 20.22 15.44 -11.07
N CYS E 263 18.99 15.71 -11.50
CA CYS E 263 17.80 15.20 -10.83
C CYS E 263 16.65 15.25 -11.82
N ALA E 264 15.55 14.62 -11.46
CA ALA E 264 14.43 14.43 -12.37
C ALA E 264 13.15 14.28 -11.56
N SER E 265 12.02 14.51 -12.23
CA SER E 265 10.71 14.32 -11.62
C SER E 265 10.00 13.16 -12.28
N GLU E 266 9.35 12.34 -11.46
CA GLU E 266 8.58 11.19 -11.91
C GLU E 266 7.13 11.42 -11.51
N TYR E 267 6.20 11.19 -12.43
CA TYR E 267 4.78 11.38 -12.17
C TYR E 267 4.06 10.07 -12.46
N THR E 268 3.43 9.50 -11.44
CA THR E 268 2.64 8.28 -11.56
C THR E 268 1.16 8.60 -11.39
N GLY E 269 0.38 8.35 -12.43
CA GLY E 269 -1.04 8.62 -12.33
C GLY E 269 -1.53 9.15 -13.65
N ASN E 270 -2.55 10.01 -13.59
CA ASN E 270 -3.21 10.50 -14.77
C ASN E 270 -3.37 11.99 -14.52
N TYR E 271 -3.63 12.75 -15.58
CA TYR E 271 -3.50 14.19 -15.48
C TYR E 271 -4.43 14.80 -14.44
N GLN E 272 -5.50 14.10 -14.03
CA GLN E 272 -6.37 14.67 -13.02
C GLN E 272 -5.89 14.42 -11.60
N CYS E 273 -5.05 13.41 -11.41
CA CYS E 273 -4.78 12.90 -10.06
C CYS E 273 -3.52 12.05 -10.21
N GLY E 274 -2.53 12.27 -9.35
CA GLY E 274 -1.32 11.48 -9.45
C GLY E 274 -0.34 11.88 -8.39
N HIS E 275 0.86 11.31 -8.50
CA HIS E 275 1.84 11.40 -7.43
C HIS E 275 3.21 11.66 -8.04
N TYR E 276 3.97 12.59 -7.43
CA TYR E 276 5.35 12.85 -7.84
C TYR E 276 6.36 12.17 -6.92
N LYS E 277 7.45 11.71 -7.53
CA LYS E 277 8.68 11.33 -6.84
C LYS E 277 9.85 12.11 -7.43
N HIS E 278 10.94 12.15 -6.68
CA HIS E 278 12.16 12.83 -7.05
C HIS E 278 13.26 11.79 -7.28
N ILE E 279 14.01 11.92 -8.37
CA ILE E 279 15.17 11.06 -8.56
C ILE E 279 16.40 11.95 -8.60
N THR E 280 17.39 11.60 -7.78
CA THR E 280 18.66 12.30 -7.69
C THR E 280 19.83 11.36 -7.98
N SER E 281 20.79 11.87 -8.75
CA SER E 281 21.99 11.15 -9.14
C SER E 281 23.16 11.54 -8.22
N LYS E 282 23.55 10.62 -7.35
CA LYS E 282 24.66 10.81 -6.43
C LYS E 282 25.68 9.73 -6.75
N GLU E 283 26.15 8.98 -5.75
CA GLU E 283 27.02 7.86 -6.06
C GLU E 283 26.26 6.81 -6.85
N THR E 284 24.94 6.79 -6.70
CA THR E 284 24.03 5.95 -7.46
C THR E 284 22.73 6.72 -7.60
N LEU E 285 21.71 6.07 -8.16
CA LEU E 285 20.41 6.71 -8.30
C LEU E 285 19.53 6.50 -7.07
N TYR E 286 19.14 7.60 -6.44
CA TYR E 286 18.24 7.60 -5.29
C TYR E 286 16.89 8.17 -5.68
N CYS E 287 15.84 7.47 -5.27
CA CYS E 287 14.46 7.87 -5.46
C CYS E 287 13.89 8.31 -4.12
N ILE E 288 13.60 9.60 -3.98
CA ILE E 288 13.05 10.17 -2.77
C ILE E 288 11.56 10.45 -2.98
N ASP E 289 10.73 9.83 -2.14
CA ASP E 289 9.27 9.97 -2.18
C ASP E 289 8.88 10.45 -0.79
N GLY E 290 8.99 11.75 -0.59
CA GLY E 290 8.78 12.32 0.72
C GLY E 290 9.79 11.80 1.74
N ALA E 291 9.32 11.06 2.72
CA ALA E 291 10.23 10.51 3.70
C ALA E 291 10.93 9.24 3.21
N LEU E 292 10.45 8.63 2.12
CA LEU E 292 10.90 7.32 1.70
C LEU E 292 12.09 7.46 0.76
N LEU E 293 13.01 6.50 0.82
CA LEU E 293 14.20 6.56 0.00
C LEU E 293 14.49 5.17 -0.54
N THR E 294 14.70 5.08 -1.85
CA THR E 294 15.18 3.83 -2.43
C THR E 294 16.35 4.15 -3.35
N LYS E 295 17.08 3.11 -3.72
CA LYS E 295 18.22 3.29 -4.61
C LYS E 295 18.25 2.18 -5.66
N SER E 296 18.90 2.49 -6.78
CA SER E 296 19.10 1.56 -7.88
C SER E 296 20.24 2.08 -8.73
N SER E 297 20.87 1.17 -9.48
CA SER E 297 21.97 1.56 -10.37
C SER E 297 21.49 2.14 -11.70
N GLU E 298 20.37 1.67 -12.23
CA GLU E 298 19.76 2.22 -13.43
C GLU E 298 18.36 2.69 -13.07
N TYR E 299 17.67 3.36 -13.99
CA TYR E 299 16.31 3.79 -13.65
C TYR E 299 15.46 3.91 -14.90
N LYS E 300 14.27 3.31 -14.88
CA LYS E 300 13.31 3.55 -15.95
C LYS E 300 11.98 3.79 -15.27
N GLY E 301 11.30 4.86 -15.68
CA GLY E 301 9.99 5.17 -15.18
C GLY E 301 9.34 6.33 -15.89
N PRO E 302 8.14 6.74 -15.45
CA PRO E 302 7.43 7.84 -16.13
C PRO E 302 7.93 9.23 -15.76
N ILE E 303 8.98 9.65 -16.45
CA ILE E 303 9.66 10.90 -16.14
C ILE E 303 8.97 12.07 -16.84
N THR E 304 8.90 13.20 -16.14
CA THR E 304 8.25 14.40 -16.66
C THR E 304 9.18 15.60 -16.75
N ASP E 305 10.22 15.68 -15.91
CA ASP E 305 11.11 16.83 -15.86
C ASP E 305 12.50 16.30 -15.49
N VAL E 306 13.54 16.76 -16.19
CA VAL E 306 14.93 16.44 -15.90
C VAL E 306 15.73 17.74 -15.84
N PHE E 307 16.56 17.87 -14.83
CA PHE E 307 17.44 19.02 -14.64
C PHE E 307 18.89 18.63 -14.90
N TYR E 308 19.61 19.51 -15.58
CA TYR E 308 21.00 19.25 -15.92
C TYR E 308 21.85 20.42 -15.48
N LYS E 309 23.09 20.13 -15.07
CA LYS E 309 24.04 21.19 -14.77
C LYS E 309 24.55 21.79 -16.08
N GLU E 310 24.83 23.10 -16.06
CA GLU E 310 25.40 23.72 -17.24
C GLU E 310 26.30 24.87 -16.81
N ASN E 311 27.22 25.24 -17.71
CA ASN E 311 28.10 26.38 -17.50
C ASN E 311 28.13 27.23 -18.77
N SER E 312 28.67 26.65 -19.84
CA SER E 312 28.71 27.30 -21.15
C SER E 312 28.68 26.20 -22.21
N TYR E 313 27.76 26.32 -23.17
CA TYR E 313 27.68 25.39 -24.28
C TYR E 313 27.62 26.14 -25.59
N THR E 314 28.44 25.70 -26.56
CA THR E 314 28.39 26.19 -27.93
C THR E 314 28.33 24.99 -28.87
N THR E 315 27.37 25.00 -29.79
CA THR E 315 27.24 23.89 -30.73
C THR E 315 28.46 23.78 -31.63
N THR E 316 28.69 22.55 -32.09
CA THR E 316 29.65 22.29 -33.17
C THR E 316 28.92 22.18 -34.50
N ASP F 2 -10.81 51.49 -25.23
CA ASP F 2 -10.49 50.07 -25.21
C ASP F 2 -10.69 49.46 -26.60
N GLU F 3 -9.58 49.02 -27.21
CA GLU F 3 -9.67 48.40 -28.54
C GLU F 3 -9.66 46.89 -28.43
N PRO F 4 -10.57 46.20 -29.10
CA PRO F 4 -10.52 44.73 -29.11
C PRO F 4 -9.22 44.25 -29.74
N LEU F 5 -8.76 43.08 -29.28
CA LEU F 5 -7.49 42.54 -29.70
C LEU F 5 -7.67 41.09 -30.14
N SER F 6 -6.85 40.66 -31.10
CA SER F 6 -6.83 39.29 -31.58
C SER F 6 -5.48 38.68 -31.25
N ILE F 7 -5.50 37.50 -30.63
CA ILE F 7 -4.28 36.82 -30.20
C ILE F 7 -4.34 35.35 -30.59
N LEU F 8 -3.21 34.67 -30.41
CA LEU F 8 -3.07 33.25 -30.70
C LEU F 8 -2.81 32.48 -29.42
N VAL F 9 -3.37 31.28 -29.34
CA VAL F 9 -3.14 30.38 -28.21
C VAL F 9 -2.82 29.01 -28.78
N ARG F 10 -1.64 28.49 -28.45
CA ARG F 10 -1.17 27.20 -28.95
C ARG F 10 -1.35 26.12 -27.89
N ASN F 11 -2.03 25.03 -28.26
CA ASN F 11 -2.34 23.95 -27.34
C ASN F 11 -1.16 22.98 -27.25
N ASN F 12 -1.33 21.93 -26.45
CA ASN F 12 -0.25 20.99 -26.19
C ASN F 12 0.10 20.13 -27.40
N LYS F 13 -0.78 20.07 -28.40
CA LYS F 13 -0.49 19.35 -29.63
C LYS F 13 0.14 20.24 -30.70
N GLY F 14 0.34 21.53 -30.42
CA GLY F 14 1.04 22.42 -31.32
C GLY F 14 0.17 23.26 -32.24
N ARG F 15 -1.15 23.09 -32.20
CA ARG F 15 -2.05 23.82 -33.09
C ARG F 15 -2.49 25.12 -32.43
N SER F 16 -2.22 26.24 -33.11
CA SER F 16 -2.60 27.55 -32.60
C SER F 16 -4.01 27.90 -33.07
N SER F 17 -4.73 28.63 -32.22
CA SER F 17 -6.06 29.11 -32.54
C SER F 17 -6.16 30.59 -32.23
N THR F 18 -7.11 31.26 -32.88
CA THR F 18 -7.27 32.70 -32.81
C THR F 18 -8.42 33.07 -31.88
N TYR F 19 -8.18 34.02 -30.98
CA TYR F 19 -9.15 34.48 -30.00
C TYR F 19 -9.25 36.00 -30.03
N GLU F 20 -10.47 36.51 -29.84
CA GLU F 20 -10.74 37.95 -29.80
C GLU F 20 -11.06 38.33 -28.36
N VAL F 21 -10.11 39.00 -27.69
CA VAL F 21 -10.22 39.36 -26.28
C VAL F 21 -9.79 40.81 -26.12
N ARG F 22 -10.17 41.39 -24.98
CA ARG F 22 -9.82 42.77 -24.65
C ARG F 22 -8.87 42.81 -23.47
N LEU F 23 -7.95 43.78 -23.50
CA LEU F 23 -6.95 43.96 -22.43
C LEU F 23 -7.56 44.42 -21.12
N THR F 24 -8.88 44.65 -21.06
CA THR F 24 -9.51 44.96 -19.80
C THR F 24 -10.06 43.71 -19.11
N GLN F 25 -10.39 42.68 -19.88
CA GLN F 25 -10.91 41.45 -19.30
C GLN F 25 -9.79 40.68 -18.63
N THR F 26 -10.17 39.79 -17.72
CA THR F 26 -9.22 39.02 -16.94
C THR F 26 -8.71 37.82 -17.73
N VAL F 27 -7.58 37.28 -17.26
CA VAL F 27 -7.05 36.03 -17.81
C VAL F 27 -8.06 34.90 -17.63
N ALA F 28 -8.91 34.98 -16.61
CA ALA F 28 -9.94 33.97 -16.42
C ALA F 28 -10.91 33.92 -17.59
N HIS F 29 -11.25 35.08 -18.17
CA HIS F 29 -12.12 35.09 -19.34
C HIS F 29 -11.46 34.37 -20.51
N LEU F 30 -10.18 34.66 -20.75
CA LEU F 30 -9.45 33.98 -21.81
C LEU F 30 -9.37 32.47 -21.55
N LYS F 31 -9.22 32.09 -20.28
CA LYS F 31 -9.17 30.68 -19.92
C LYS F 31 -10.49 29.99 -20.19
N GLN F 32 -11.61 30.67 -19.92
CA GLN F 32 -12.92 30.10 -20.23
C GLN F 32 -13.14 30.00 -21.74
N GLN F 33 -12.61 30.98 -22.49
CA GLN F 33 -12.68 30.90 -23.96
C GLN F 33 -11.90 29.69 -24.46
N VAL F 34 -10.69 29.49 -23.94
CA VAL F 34 -9.87 28.33 -24.32
C VAL F 34 -10.54 27.03 -23.88
N SER F 35 -11.18 27.04 -22.71
CA SER F 35 -11.90 25.87 -22.21
C SER F 35 -13.00 25.46 -23.18
N GLY F 36 -13.81 26.43 -23.62
CA GLY F 36 -14.88 26.12 -24.55
C GLY F 36 -14.39 25.74 -25.93
N LEU F 37 -13.25 26.30 -26.37
CA LEU F 37 -12.77 26.03 -27.72
C LEU F 37 -12.05 24.70 -27.80
N GLU F 38 -11.04 24.49 -26.95
CA GLU F 38 -10.23 23.28 -26.97
C GLU F 38 -10.90 22.09 -26.30
N GLY F 39 -11.99 22.31 -25.55
CA GLY F 39 -12.69 21.22 -24.91
C GLY F 39 -12.01 20.62 -23.70
N VAL F 40 -11.29 21.44 -22.94
CA VAL F 40 -10.58 20.99 -21.73
C VAL F 40 -11.01 21.86 -20.56
N GLN F 41 -11.35 21.24 -19.44
CA GLN F 41 -11.79 22.00 -18.26
C GLN F 41 -10.69 22.96 -17.83
N ASP F 42 -11.10 24.17 -17.41
CA ASP F 42 -10.14 25.23 -17.12
C ASP F 42 -9.18 24.90 -15.99
N ASP F 43 -9.57 24.01 -15.07
CA ASP F 43 -8.68 23.65 -13.97
C ASP F 43 -7.50 22.79 -14.42
N LEU F 44 -7.55 22.23 -15.62
CA LEU F 44 -6.57 21.26 -16.07
C LEU F 44 -5.42 21.86 -16.87
N PHE F 45 -5.39 23.18 -17.08
CA PHE F 45 -4.29 23.76 -17.86
C PHE F 45 -3.96 25.15 -17.33
N TRP F 46 -2.76 25.62 -17.70
CA TRP F 46 -2.27 26.94 -17.33
C TRP F 46 -1.65 27.60 -18.54
N LEU F 47 -1.68 28.94 -18.55
CA LEU F 47 -1.28 29.74 -19.70
C LEU F 47 0.00 30.52 -19.40
N THR F 48 0.93 30.52 -20.36
CA THR F 48 2.17 31.29 -20.25
C THR F 48 2.34 32.23 -21.42
N PHE F 49 2.76 33.46 -21.14
CA PHE F 49 3.14 34.44 -22.15
C PHE F 49 4.61 34.78 -21.96
N GLU F 50 5.45 34.42 -22.93
CA GLU F 50 6.89 34.67 -22.85
C GLU F 50 7.49 34.08 -21.58
N GLY F 51 7.12 32.84 -21.28
CA GLY F 51 7.65 32.12 -20.15
C GLY F 51 7.03 32.45 -18.81
N LYS F 52 6.41 33.62 -18.68
CA LYS F 52 5.78 34.01 -17.42
C LYS F 52 4.37 33.40 -17.35
N PRO F 53 4.02 32.73 -16.26
CA PRO F 53 2.65 32.21 -16.12
C PRO F 53 1.65 33.34 -15.89
N LEU F 54 0.47 33.19 -16.49
CA LEU F 54 -0.59 34.19 -16.39
C LEU F 54 -1.52 33.83 -15.25
N GLU F 55 -1.67 34.74 -14.28
CA GLU F 55 -2.57 34.53 -13.16
C GLU F 55 -4.00 34.90 -13.50
N ASP F 56 -4.95 34.12 -12.97
CA ASP F 56 -6.35 34.26 -13.36
C ASP F 56 -6.94 35.59 -12.89
N GLN F 57 -6.42 36.16 -11.81
CA GLN F 57 -7.05 37.34 -11.21
C GLN F 57 -6.68 38.62 -11.95
N LEU F 58 -5.53 38.68 -12.62
CA LEU F 58 -5.05 39.91 -13.23
C LEU F 58 -5.70 40.16 -14.59
N PRO F 59 -5.83 41.42 -15.00
CA PRO F 59 -6.29 41.70 -16.37
C PRO F 59 -5.18 41.46 -17.39
N LEU F 60 -5.60 41.14 -18.61
CA LEU F 60 -4.64 40.79 -19.66
C LEU F 60 -3.67 41.92 -19.92
N GLY F 61 -4.08 43.17 -19.69
CA GLY F 61 -3.20 44.30 -19.95
C GLY F 61 -2.00 44.36 -19.03
N GLU F 62 -2.10 43.80 -17.83
CA GLU F 62 -0.98 43.84 -16.89
C GLU F 62 0.22 43.02 -17.34
N TYR F 63 0.07 42.17 -18.35
CA TYR F 63 1.19 41.40 -18.88
C TYR F 63 1.73 41.98 -20.18
N GLY F 64 1.08 43.01 -20.72
CA GLY F 64 1.56 43.65 -21.92
C GLY F 64 1.59 42.77 -23.14
N LEU F 65 0.43 42.22 -23.51
CA LEU F 65 0.32 41.42 -24.72
C LEU F 65 0.08 42.36 -25.91
N LYS F 66 0.78 42.08 -27.00
CA LYS F 66 0.66 42.82 -28.25
C LYS F 66 -0.24 42.05 -29.21
N PRO F 67 -0.70 42.69 -30.28
CA PRO F 67 -1.51 41.95 -31.27
C PRO F 67 -0.76 40.76 -31.84
N LEU F 68 -1.51 39.69 -32.12
CA LEU F 68 -1.00 38.45 -32.70
C LEU F 68 0.03 37.75 -31.81
N SER F 69 0.09 38.10 -30.52
CA SER F 69 0.99 37.39 -29.60
C SER F 69 0.54 35.95 -29.40
N THR F 70 1.52 35.06 -29.21
CA THR F 70 1.28 33.64 -29.05
C THR F 70 1.42 33.27 -27.57
N VAL F 71 0.30 32.91 -26.93
CA VAL F 71 0.27 32.41 -25.57
C VAL F 71 0.26 30.89 -25.61
N PHE F 72 1.10 30.28 -24.77
CA PHE F 72 1.23 28.83 -24.71
C PHE F 72 0.27 28.26 -23.68
N MET F 73 -0.41 27.18 -24.06
CA MET F 73 -1.28 26.43 -23.17
C MET F 73 -0.56 25.16 -22.74
N ASN F 74 -0.46 24.94 -21.44
CA ASN F 74 0.27 23.82 -20.89
C ASN F 74 -0.70 22.99 -20.07
N LEU F 75 -0.80 21.70 -20.37
CA LEU F 75 -1.62 20.83 -19.53
C LEU F 75 -1.00 20.74 -18.15
N ARG F 76 -1.85 20.72 -17.14
CA ARG F 76 -1.40 20.77 -15.76
C ARG F 76 -1.51 19.38 -15.14
N LEU F 77 -0.40 18.90 -14.58
CA LEU F 77 -0.45 17.68 -13.80
C LEU F 77 -0.95 18.01 -12.41
N ARG F 78 -1.65 17.06 -11.80
CA ARG F 78 -2.20 17.26 -10.49
C ARG F 78 -1.63 16.19 -9.55
N GLY F 79 -0.36 16.35 -9.22
CA GLY F 79 0.31 15.43 -8.33
C GLY F 79 0.18 15.80 -6.87
C2 AYE F 80 1.17 14.40 -4.02
C3 AYE F 80 1.14 13.89 -2.80
C1 AYE F 80 -0.10 15.01 -4.61
N1 AYE F 80 -0.08 14.80 -6.05
C1 GOL G . 22.54 -27.40 -3.98
O1 GOL G . 21.44 -27.31 -3.11
C2 GOL G . 23.57 -26.27 -3.62
O2 GOL G . 23.03 -25.01 -3.68
C3 GOL G . 24.05 -26.59 -2.20
O3 GOL G . 23.79 -25.43 -1.47
C1 GOL H . 4.15 -2.83 -31.16
O1 GOL H . 4.06 -1.45 -31.07
C2 GOL H . 2.76 -3.38 -30.80
O2 GOL H . 2.72 -3.80 -29.49
C3 GOL H . 2.56 -4.56 -31.79
O3 GOL H . 2.80 -4.06 -33.07
C1 GOL I . 20.30 -24.22 -27.63
O1 GOL I . 20.59 -24.65 -28.93
C2 GOL I . 18.74 -24.34 -27.35
O2 GOL I . 18.41 -24.15 -26.01
C3 GOL I . 18.06 -23.26 -28.16
O3 GOL I . 16.75 -23.31 -27.69
ZN ZN J . 17.90 -40.23 31.60
C1 GOL K . -32.08 -3.61 0.52
O1 GOL K . -31.10 -4.38 1.08
C2 GOL K . -32.33 -4.35 -0.76
O2 GOL K . -31.84 -5.61 -0.61
C3 GOL K . -31.50 -3.58 -1.80
O3 GOL K . -30.18 -3.66 -1.34
C1 GOL L . -18.99 -39.24 -18.96
O1 GOL L . -19.67 -40.11 -19.83
C2 GOL L . -19.02 -39.88 -17.51
O2 GOL L . -18.69 -38.96 -16.52
C3 GOL L . -20.43 -40.44 -17.32
O3 GOL L . -20.46 -41.00 -16.05
C1 GOL M . -33.83 -20.04 -21.06
O1 GOL M . -32.47 -20.18 -21.34
C2 GOL M . -33.98 -18.69 -20.35
O2 GOL M . -32.99 -18.50 -19.40
C3 GOL M . -35.40 -18.72 -19.74
O3 GOL M . -36.30 -18.39 -20.76
ZN ZN N . -17.59 24.03 19.62
ZN ZN O . 8.93 25.40 -43.21
C1 GOL P . 7.27 52.28 16.04
O1 GOL P . 7.46 53.66 16.12
C2 GOL P . 7.73 51.89 14.63
O2 GOL P . 7.21 52.75 13.68
C3 GOL P . 9.30 51.94 14.69
O3 GOL P . 9.74 50.83 15.44
C1 GOL Q . 12.55 40.16 -9.21
O1 GOL Q . 12.44 38.83 -9.63
C2 GOL Q . 11.47 40.38 -8.11
O2 GOL Q . 11.62 39.50 -7.02
C3 GOL Q . 10.10 40.32 -8.80
O3 GOL Q . 9.87 39.01 -9.34
#